data_2Q5L
#
_entry.id   2Q5L
#
_cell.length_a   99.978
_cell.length_b   179.050
_cell.length_c   120.858
_cell.angle_alpha   90.00
_cell.angle_beta   90.00
_cell.angle_gamma   90.00
#
_symmetry.space_group_name_H-M   'C 2 2 21'
#
loop_
_entity.id
_entity.type
_entity.pdbx_description
1 polymer 'PHENYLPYRUVATE DECARBOXYLASE'
2 non-polymer 'MAGNESIUM ION'
3 non-polymer 'CHLORIDE ION'
4 non-polymer '2-{4-[(4-AMINO-2-METHYLPYRIMIDIN-5-YL)METHYL]-5-[(1S)-1-HYDROXYETHYL]-3-METHYL-2-THIENYL}ETHYL TRIHYDROGEN DIPHOSPHATE'
5 non-polymer '2-{4-[(4-AMINO-2-METHYLPYRIMIDIN-5-YL)METHYL]-5-[(1R)-1-HYDROXYETHYL]-3-METHYL-2-THIENYL}ETHYL TRIHYDROGEN DIPHOSPHATE'
6 non-polymer GLYCEROL
7 water water
#
_entity_poly.entity_id   1
_entity_poly.type   'polypeptide(L)'
_entity_poly.pdbx_seq_one_letter_code
;MGSSHHHHHHSSGLVPRGSHMKLAEALLRALKDRGAQAMFGIPGDFALPFFKVAEETQILPLHTLSHEPAVGFAADAAAR
YSSTLGVAAVTYGAGAFNMVNAVAGAYAEKSPVVVISGAPGTTEGNAGLLLHHQGRTLDTQFQVFKEITVAQARLDDPAK
APAEIARVLGAARAQSRPVYLEIPRNMVNAEVEPVGDDPAWPVDRDALAACADEVLAAMRSATSPVLMVCVEVRRYGLEA
KVAELAQRLGVPVVTTFMGRGLLADAPTPPLGTYIGVAGDAEITRLVEESDGLFLLGAILSDTNFAVSQRKIDLRKTIHA
FDRAVTLGYHTYADIPLAGLVDALLERLPPSDRTTRGKEPHAYPTGLQADGEPIAPMDIARAVNDRVRAGQEPLLIAADM
GDCLFTAMDMIDAGLMAPGYYAGMGFGVPAGIGAQCVSGGKRILTVVGDGAFQMTGWELGNCRRLGIDPIVILFNNASWE
MLRTFQPESAFNDLDDWRFADMAAGMGGDGVRVRTRAELKAALDKAFATRGRFQLIEAMIPRGVLSDTLARFVQGQKRLH
AAPRE
;
_entity_poly.pdbx_strand_id   A,B
#
# COMPACT_ATOMS: atom_id res chain seq x y z
N VAL A 15 19.08 10.76 -32.27
CA VAL A 15 19.36 10.86 -30.81
C VAL A 15 19.85 12.28 -30.50
N PRO A 16 19.13 12.99 -29.61
CA PRO A 16 19.50 14.36 -29.22
C PRO A 16 20.86 14.52 -28.54
N ARG A 17 21.51 15.65 -28.81
CA ARG A 17 22.81 15.97 -28.23
C ARG A 17 23.03 17.48 -28.29
N GLY A 18 23.59 18.05 -27.23
CA GLY A 18 23.88 19.48 -27.22
C GLY A 18 22.98 20.42 -26.43
N SER A 19 21.79 19.97 -26.06
CA SER A 19 20.87 20.83 -25.32
C SER A 19 21.42 21.13 -23.93
N HIS A 20 22.29 20.26 -23.43
CA HIS A 20 22.88 20.43 -22.10
C HIS A 20 21.77 20.39 -21.05
N MET A 21 20.70 19.67 -21.35
CA MET A 21 19.56 19.55 -20.44
C MET A 21 19.19 18.09 -20.22
N LYS A 22 19.46 17.57 -19.03
CA LYS A 22 19.15 16.18 -18.71
C LYS A 22 17.63 15.95 -18.79
N LEU A 23 17.22 14.74 -19.17
CA LEU A 23 15.81 14.43 -19.26
C LEU A 23 15.10 14.71 -17.92
N ALA A 24 15.71 14.26 -16.82
CA ALA A 24 15.13 14.46 -15.49
C ALA A 24 14.96 15.94 -15.20
N GLU A 25 15.94 16.74 -15.60
CA GLU A 25 15.88 18.17 -15.34
C GLU A 25 14.76 18.78 -16.18
N ALA A 26 14.62 18.34 -17.43
CA ALA A 26 13.58 18.88 -18.29
C ALA A 26 12.20 18.61 -17.67
N LEU A 27 12.07 17.44 -17.03
CA LEU A 27 10.81 17.07 -16.42
C LEU A 27 10.53 17.91 -15.18
N LEU A 28 11.54 18.04 -14.32
CA LEU A 28 11.36 18.84 -13.11
C LEU A 28 10.97 20.28 -13.50
N ARG A 29 11.63 20.84 -14.51
CA ARG A 29 11.30 22.20 -14.96
C ARG A 29 9.90 22.28 -15.58
N ALA A 30 9.50 21.25 -16.31
CA ALA A 30 8.18 21.22 -16.92
C ALA A 30 7.11 21.21 -15.81
N LEU A 31 7.40 20.49 -14.75
CA LEU A 31 6.48 20.41 -13.62
C LEU A 31 6.40 21.80 -12.94
N LYS A 32 7.56 22.40 -12.70
CA LYS A 32 7.61 23.71 -12.06
C LYS A 32 6.89 24.75 -12.93
N ASP A 33 7.08 24.66 -14.25
CA ASP A 33 6.41 25.58 -15.19
C ASP A 33 4.89 25.52 -15.03
N ARG A 34 4.39 24.36 -14.63
CA ARG A 34 2.96 24.17 -14.48
C ARG A 34 2.43 24.37 -13.05
N GLY A 35 3.28 24.87 -12.17
CA GLY A 35 2.84 25.14 -10.81
C GLY A 35 3.28 24.22 -9.69
N ALA A 36 3.86 23.07 -10.00
CA ALA A 36 4.31 22.15 -8.96
C ALA A 36 5.17 22.90 -7.96
N GLN A 37 4.97 22.63 -6.68
CA GLN A 37 5.71 23.32 -5.65
C GLN A 37 6.70 22.45 -4.88
N ALA A 38 6.66 21.16 -5.13
CA ALA A 38 7.57 20.27 -4.42
C ALA A 38 7.47 18.88 -5.02
N MET A 39 8.39 18.02 -4.62
CA MET A 39 8.33 16.64 -5.08
C MET A 39 8.51 15.78 -3.85
N PHE A 40 7.53 14.91 -3.60
CA PHE A 40 7.61 14.00 -2.47
C PHE A 40 8.09 12.67 -3.01
N GLY A 41 8.80 11.90 -2.19
CA GLY A 41 9.26 10.62 -2.68
C GLY A 41 10.07 9.80 -1.71
N ILE A 42 10.33 8.56 -2.11
CA ILE A 42 11.15 7.61 -1.39
C ILE A 42 11.94 6.97 -2.51
N PRO A 43 13.28 7.04 -2.44
CA PRO A 43 14.15 6.45 -3.46
C PRO A 43 14.33 4.93 -3.37
N GLY A 44 15.07 4.40 -4.34
CA GLY A 44 15.35 2.97 -4.40
C GLY A 44 16.48 2.83 -5.42
N ASP A 45 17.10 1.67 -5.53
CA ASP A 45 18.20 1.56 -6.48
C ASP A 45 17.88 2.08 -7.89
N PHE A 46 16.75 1.68 -8.46
CA PHE A 46 16.43 2.13 -9.82
C PHE A 46 16.13 3.64 -9.91
N ALA A 47 15.73 4.25 -8.81
CA ALA A 47 15.42 5.67 -8.81
C ALA A 47 16.55 6.58 -8.30
N LEU A 48 17.64 6.00 -7.83
CA LEU A 48 18.73 6.82 -7.30
C LEU A 48 19.23 7.93 -8.24
N PRO A 49 19.46 7.61 -9.52
CA PRO A 49 19.94 8.65 -10.45
C PRO A 49 18.95 9.81 -10.58
N PHE A 50 17.66 9.50 -10.59
CA PHE A 50 16.64 10.53 -10.71
C PHE A 50 16.63 11.41 -9.45
N PHE A 51 16.71 10.78 -8.28
CA PHE A 51 16.71 11.55 -7.04
C PHE A 51 17.96 12.40 -6.92
N LYS A 52 19.05 11.94 -7.52
CA LYS A 52 20.30 12.68 -7.49
C LYS A 52 20.09 13.99 -8.24
N VAL A 53 19.50 13.92 -9.42
CA VAL A 53 19.23 15.12 -10.21
C VAL A 53 18.29 16.06 -9.46
N ALA A 54 17.27 15.51 -8.82
CA ALA A 54 16.35 16.33 -8.05
C ALA A 54 17.05 17.05 -6.91
N GLU A 55 17.88 16.33 -6.15
CA GLU A 55 18.57 16.91 -5.02
C GLU A 55 19.62 17.94 -5.43
N GLU A 56 20.43 17.61 -6.43
CA GLU A 56 21.47 18.53 -6.88
C GLU A 56 20.97 19.79 -7.57
N THR A 57 19.91 19.69 -8.34
CA THR A 57 19.39 20.86 -9.06
C THR A 57 18.43 21.69 -8.26
N GLN A 58 17.77 21.07 -7.29
CA GLN A 58 16.80 21.79 -6.46
C GLN A 58 15.76 22.52 -7.29
N ILE A 59 15.40 21.97 -8.44
CA ILE A 59 14.38 22.62 -9.27
C ILE A 59 13.07 22.64 -8.47
N LEU A 60 12.78 21.53 -7.79
CA LEU A 60 11.61 21.43 -6.95
C LEU A 60 12.09 20.97 -5.57
N PRO A 61 11.56 21.58 -4.50
CA PRO A 61 11.99 21.16 -3.17
C PRO A 61 11.74 19.64 -3.06
N LEU A 62 12.72 18.90 -2.54
CA LEU A 62 12.58 17.45 -2.40
C LEU A 62 12.30 17.04 -0.96
N HIS A 63 11.14 16.42 -0.75
CA HIS A 63 10.72 15.99 0.58
C HIS A 63 10.51 14.48 0.60
N THR A 64 11.26 13.77 1.43
CA THR A 64 11.08 12.33 1.51
C THR A 64 10.15 12.02 2.68
N LEU A 65 9.52 10.85 2.64
CA LEU A 65 8.62 10.44 3.71
C LEU A 65 9.05 9.03 4.12
N SER A 66 8.35 8.42 5.07
CA SER A 66 8.73 7.09 5.55
C SER A 66 8.24 5.90 4.73
N HIS A 67 6.97 5.98 4.33
CA HIS A 67 6.30 4.89 3.61
C HIS A 67 5.62 5.48 2.37
N GLU A 68 5.59 4.72 1.27
CA GLU A 68 5.00 5.21 0.04
C GLU A 68 3.57 5.71 0.10
N PRO A 69 2.69 5.10 0.93
CA PRO A 69 1.33 5.65 0.97
C PRO A 69 1.37 7.15 1.28
N ALA A 70 2.24 7.54 2.20
CA ALA A 70 2.38 8.94 2.59
C ALA A 70 2.91 9.79 1.42
N VAL A 71 3.80 9.23 0.62
CA VAL A 71 4.31 9.98 -0.52
C VAL A 71 3.13 10.36 -1.42
N GLY A 72 2.28 9.37 -1.71
CA GLY A 72 1.12 9.62 -2.57
C GLY A 72 0.13 10.58 -1.94
N PHE A 73 -0.18 10.37 -0.66
CA PHE A 73 -1.13 11.24 0.03
C PHE A 73 -0.63 12.69 0.13
N ALA A 74 0.66 12.85 0.42
CA ALA A 74 1.25 14.19 0.54
C ALA A 74 1.22 14.93 -0.79
N ALA A 75 1.54 14.23 -1.87
CA ALA A 75 1.54 14.85 -3.20
C ALA A 75 0.11 15.26 -3.59
N ASP A 76 -0.85 14.40 -3.25
CA ASP A 76 -2.26 14.67 -3.53
C ASP A 76 -2.64 15.93 -2.75
N ALA A 77 -2.31 15.94 -1.45
CA ALA A 77 -2.61 17.10 -0.62
C ALA A 77 -1.97 18.38 -1.16
N ALA A 78 -0.72 18.30 -1.62
CA ALA A 78 -0.06 19.50 -2.14
C ALA A 78 -0.79 19.99 -3.39
N ALA A 79 -1.28 19.07 -4.20
CA ALA A 79 -2.01 19.44 -5.41
C ALA A 79 -3.33 20.12 -5.02
N ARG A 80 -4.04 19.53 -4.07
CA ARG A 80 -5.31 20.10 -3.63
C ARG A 80 -5.11 21.47 -2.97
N TYR A 81 -4.05 21.59 -2.17
CA TYR A 81 -3.79 22.84 -1.46
C TYR A 81 -3.66 24.04 -2.39
N SER A 82 -2.94 23.86 -3.50
CA SER A 82 -2.72 24.96 -4.43
C SER A 82 -3.41 24.81 -5.78
N SER A 83 -4.26 23.80 -5.92
CA SER A 83 -4.96 23.56 -7.17
C SER A 83 -3.95 23.50 -8.32
N THR A 84 -2.91 22.71 -8.11
CA THR A 84 -1.87 22.56 -9.13
C THR A 84 -1.49 21.09 -9.22
N LEU A 85 -0.37 20.81 -9.88
CA LEU A 85 0.09 19.43 -10.00
C LEU A 85 0.84 18.99 -8.75
N GLY A 86 0.59 17.75 -8.33
CA GLY A 86 1.32 17.20 -7.20
C GLY A 86 2.37 16.28 -7.82
N VAL A 87 3.45 16.01 -7.11
CA VAL A 87 4.50 15.15 -7.67
C VAL A 87 4.94 14.10 -6.67
N ALA A 88 4.82 12.83 -7.07
CA ALA A 88 5.17 11.70 -6.21
C ALA A 88 6.14 10.79 -6.91
N ALA A 89 7.34 10.69 -6.35
CA ALA A 89 8.40 9.88 -6.94
C ALA A 89 8.69 8.62 -6.14
N VAL A 90 8.74 7.50 -6.84
CA VAL A 90 9.00 6.20 -6.22
C VAL A 90 9.99 5.37 -7.02
N THR A 91 10.34 4.20 -6.49
CA THR A 91 11.25 3.33 -7.19
C THR A 91 10.43 2.19 -7.80
N TYR A 92 11.04 1.48 -8.73
CA TYR A 92 10.42 0.37 -9.45
C TYR A 92 10.03 -0.79 -8.54
N GLY A 93 8.91 -1.45 -8.87
CA GLY A 93 8.48 -2.59 -8.08
C GLY A 93 7.76 -2.22 -6.79
N ALA A 94 8.19 -2.82 -5.69
CA ALA A 94 7.56 -2.58 -4.40
C ALA A 94 7.22 -1.12 -4.11
N GLY A 95 8.16 -0.21 -4.35
CA GLY A 95 7.89 1.19 -4.08
C GLY A 95 6.65 1.70 -4.80
N ALA A 96 6.58 1.44 -6.10
CA ALA A 96 5.43 1.88 -6.90
C ALA A 96 4.13 1.17 -6.51
N PHE A 97 4.18 -0.15 -6.37
CA PHE A 97 2.97 -0.89 -6.01
C PHE A 97 2.44 -0.43 -4.66
N ASN A 98 3.33 0.02 -3.79
CA ASN A 98 2.94 0.46 -2.46
C ASN A 98 2.22 1.82 -2.45
N MET A 99 2.13 2.47 -3.60
CA MET A 99 1.46 3.78 -3.71
C MET A 99 0.20 3.72 -4.57
N VAL A 100 -0.18 2.51 -4.98
CA VAL A 100 -1.35 2.32 -5.81
C VAL A 100 -2.63 2.87 -5.17
N ASN A 101 -2.81 2.58 -3.88
CA ASN A 101 -3.99 3.08 -3.18
C ASN A 101 -4.06 4.61 -3.12
N ALA A 102 -2.96 5.26 -2.74
CA ALA A 102 -2.97 6.72 -2.65
C ALA A 102 -3.26 7.33 -4.03
N VAL A 103 -2.72 6.72 -5.07
CA VAL A 103 -2.95 7.23 -6.43
C VAL A 103 -4.40 7.02 -6.85
N ALA A 104 -4.97 5.86 -6.53
CA ALA A 104 -6.37 5.61 -6.87
C ALA A 104 -7.27 6.62 -6.16
N GLY A 105 -6.89 6.97 -4.93
CA GLY A 105 -7.67 7.94 -4.16
C GLY A 105 -7.63 9.30 -4.83
N ALA A 106 -6.47 9.68 -5.37
CA ALA A 106 -6.33 10.97 -6.05
C ALA A 106 -7.18 10.92 -7.33
N TYR A 107 -7.13 9.77 -8.02
CA TYR A 107 -7.92 9.63 -9.24
C TYR A 107 -9.40 9.82 -8.88
N ALA A 108 -9.83 9.08 -7.86
CA ALA A 108 -11.22 9.15 -7.41
C ALA A 108 -11.69 10.55 -7.06
N GLU A 109 -10.80 11.39 -6.54
CA GLU A 109 -11.21 12.72 -6.14
C GLU A 109 -10.65 13.84 -7.01
N LYS A 110 -10.36 13.49 -8.25
CA LYS A 110 -9.88 14.47 -9.24
C LYS A 110 -8.70 15.33 -8.84
N SER A 111 -7.62 14.70 -8.38
CA SER A 111 -6.42 15.41 -7.98
C SER A 111 -5.29 14.92 -8.90
N PRO A 112 -4.67 15.84 -9.63
CA PRO A 112 -3.58 15.49 -10.56
C PRO A 112 -2.22 15.19 -9.97
N VAL A 113 -2.06 13.99 -9.45
CA VAL A 113 -0.78 13.58 -8.88
C VAL A 113 0.07 13.01 -10.01
N VAL A 114 1.25 13.58 -10.21
CA VAL A 114 2.14 13.08 -11.24
C VAL A 114 3.04 12.02 -10.61
N VAL A 115 2.83 10.76 -10.99
CA VAL A 115 3.62 9.67 -10.46
C VAL A 115 4.86 9.47 -11.35
N ILE A 116 6.03 9.48 -10.73
CA ILE A 116 7.28 9.30 -11.44
C ILE A 116 8.00 8.11 -10.84
N SER A 117 8.09 7.02 -11.58
CA SER A 117 8.74 5.83 -11.08
C SER A 117 10.04 5.54 -11.80
N GLY A 118 11.06 5.15 -11.02
CA GLY A 118 12.33 4.77 -11.62
C GLY A 118 12.07 3.42 -12.27
N ALA A 119 12.99 2.95 -13.10
CA ALA A 119 12.80 1.67 -13.77
C ALA A 119 14.14 1.18 -14.29
N PRO A 120 14.23 -0.12 -14.59
CA PRO A 120 15.49 -0.68 -15.12
C PRO A 120 15.90 0.09 -16.37
N GLY A 121 17.21 0.16 -16.62
CA GLY A 121 17.69 0.85 -17.80
C GLY A 121 17.18 0.15 -19.05
N THR A 122 17.06 0.89 -20.15
CA THR A 122 16.55 0.32 -21.38
C THR A 122 17.37 -0.84 -21.94
N THR A 123 18.62 -0.98 -21.51
CA THR A 123 19.45 -2.05 -22.03
C THR A 123 19.86 -3.07 -20.98
N GLU A 124 19.07 -3.20 -19.92
CA GLU A 124 19.42 -4.15 -18.86
C GLU A 124 18.28 -5.11 -18.52
N GLY A 125 17.22 -5.09 -19.31
CA GLY A 125 16.10 -5.98 -19.06
C GLY A 125 15.52 -5.78 -17.67
N ASN A 126 14.89 -6.81 -17.12
CA ASN A 126 14.31 -6.70 -15.79
C ASN A 126 14.14 -8.06 -15.13
N ALA A 127 13.69 -8.05 -13.89
CA ALA A 127 13.47 -9.27 -13.14
C ALA A 127 12.01 -9.68 -13.36
N GLY A 128 11.80 -10.62 -14.28
CA GLY A 128 10.45 -11.07 -14.57
C GLY A 128 9.82 -11.87 -13.45
N LEU A 129 9.71 -11.27 -12.27
CA LEU A 129 9.11 -11.96 -11.13
C LEU A 129 7.59 -11.99 -11.19
N LEU A 130 7.00 -11.03 -11.91
CA LEU A 130 5.54 -10.95 -12.00
C LEU A 130 4.95 -11.35 -13.36
N LEU A 131 5.81 -11.69 -14.31
CA LEU A 131 5.37 -12.09 -15.65
C LEU A 131 4.90 -10.87 -16.46
N THR A 137 4.22 0.09 -22.76
CA THR A 137 4.84 -1.00 -22.02
C THR A 137 3.81 -2.03 -21.56
N LEU A 138 4.18 -3.32 -21.58
CA LEU A 138 3.26 -4.38 -21.17
C LEU A 138 3.61 -5.01 -19.83
N ASP A 139 4.57 -4.42 -19.11
CA ASP A 139 4.98 -4.92 -17.80
C ASP A 139 3.86 -4.76 -16.79
N THR A 140 3.81 -5.66 -15.82
CA THR A 140 2.78 -5.61 -14.78
C THR A 140 2.62 -4.22 -14.13
N GLN A 141 3.72 -3.59 -13.75
CA GLN A 141 3.61 -2.30 -13.10
C GLN A 141 2.89 -1.26 -13.98
N PHE A 142 3.30 -1.18 -15.25
CA PHE A 142 2.70 -0.23 -16.17
C PHE A 142 1.21 -0.52 -16.33
N GLN A 143 0.87 -1.80 -16.47
CA GLN A 143 -0.52 -2.20 -16.65
C GLN A 143 -1.38 -1.88 -15.43
N VAL A 144 -0.79 -1.98 -14.24
CA VAL A 144 -1.56 -1.65 -13.05
C VAL A 144 -1.78 -0.15 -13.01
N PHE A 145 -0.73 0.63 -13.25
CA PHE A 145 -0.89 2.08 -13.21
C PHE A 145 -1.79 2.67 -14.28
N LYS A 146 -1.91 1.99 -15.41
CA LYS A 146 -2.77 2.49 -16.49
C LYS A 146 -4.24 2.47 -16.03
N GLU A 147 -4.54 1.64 -15.04
CA GLU A 147 -5.92 1.52 -14.54
C GLU A 147 -6.31 2.63 -13.57
N ILE A 148 -5.33 3.36 -13.04
CA ILE A 148 -5.61 4.41 -12.08
C ILE A 148 -5.06 5.78 -12.45
N THR A 149 -4.76 5.97 -13.73
CA THR A 149 -4.25 7.25 -14.23
C THR A 149 -4.93 7.57 -15.57
N VAL A 150 -4.93 8.84 -15.97
CA VAL A 150 -5.57 9.21 -17.24
C VAL A 150 -4.62 9.20 -18.43
N ALA A 151 -3.34 9.11 -18.16
CA ALA A 151 -2.33 9.07 -19.22
C ALA A 151 -1.03 8.51 -18.66
N GLN A 152 -0.26 7.85 -19.51
CA GLN A 152 1.00 7.25 -19.08
C GLN A 152 2.04 7.36 -20.19
N ALA A 153 3.31 7.32 -19.82
CA ALA A 153 4.38 7.33 -20.80
C ALA A 153 5.62 6.72 -20.19
N ARG A 154 6.35 5.95 -21.00
CA ARG A 154 7.60 5.37 -20.56
C ARG A 154 8.58 6.24 -21.34
N LEU A 155 9.38 7.02 -20.63
CA LEU A 155 10.34 7.91 -21.28
C LEU A 155 11.62 7.16 -21.59
N ASP A 156 11.54 6.27 -22.58
CA ASP A 156 12.69 5.47 -22.98
C ASP A 156 13.29 5.92 -24.31
N ASP A 157 12.88 7.08 -24.81
CA ASP A 157 13.39 7.62 -26.07
C ASP A 157 13.61 9.13 -25.88
N PRO A 158 14.87 9.55 -25.71
CA PRO A 158 15.15 10.99 -25.53
C PRO A 158 14.61 11.93 -26.59
N ALA A 159 14.54 11.47 -27.84
CA ALA A 159 14.02 12.31 -28.92
C ALA A 159 12.51 12.56 -28.80
N LYS A 160 11.81 11.60 -28.18
CA LYS A 160 10.36 11.72 -28.01
C LYS A 160 9.92 12.18 -26.63
N ALA A 161 10.82 12.15 -25.66
CA ALA A 161 10.49 12.53 -24.29
C ALA A 161 9.83 13.90 -24.11
N PRO A 162 10.38 14.97 -24.72
CA PRO A 162 9.76 16.28 -24.55
C PRO A 162 8.26 16.34 -24.87
N ALA A 163 7.89 15.78 -26.02
CA ALA A 163 6.49 15.76 -26.42
C ALA A 163 5.65 14.88 -25.51
N GLU A 164 6.19 13.74 -25.10
CA GLU A 164 5.46 12.84 -24.22
C GLU A 164 5.18 13.50 -22.87
N ILE A 165 6.19 14.15 -22.29
CA ILE A 165 5.98 14.84 -21.02
C ILE A 165 4.85 15.88 -21.18
N ALA A 166 4.93 16.69 -22.23
CA ALA A 166 3.89 17.69 -22.48
C ALA A 166 2.51 17.03 -22.64
N ARG A 167 2.45 15.91 -23.35
CA ARG A 167 1.17 15.24 -23.53
C ARG A 167 0.63 14.71 -22.20
N VAL A 168 1.48 14.03 -21.44
CA VAL A 168 1.05 13.44 -20.16
C VAL A 168 0.73 14.49 -19.10
N LEU A 169 1.61 15.49 -18.93
CA LEU A 169 1.33 16.52 -17.94
C LEU A 169 0.10 17.31 -18.40
N GLY A 170 -0.05 17.44 -19.72
CA GLY A 170 -1.20 18.15 -20.27
C GLY A 170 -2.49 17.42 -20.00
N ALA A 171 -2.41 16.09 -20.00
CA ALA A 171 -3.58 15.27 -19.73
C ALA A 171 -3.99 15.43 -18.26
N ALA A 172 -3.00 15.50 -17.37
CA ALA A 172 -3.27 15.66 -15.94
C ALA A 172 -3.98 16.99 -15.70
N ARG A 173 -3.58 18.02 -16.45
CA ARG A 173 -4.19 19.33 -16.28
C ARG A 173 -5.54 19.44 -16.96
N ALA A 174 -5.74 18.69 -18.05
CA ALA A 174 -7.00 18.75 -18.77
C ALA A 174 -8.14 18.03 -18.08
N GLN A 175 -7.84 16.96 -17.35
CA GLN A 175 -8.88 16.20 -16.69
C GLN A 175 -8.76 16.15 -15.16
N SER A 176 -7.71 16.77 -14.62
CA SER A 176 -7.49 16.81 -13.17
C SER A 176 -7.48 15.41 -12.57
N ARG A 177 -6.62 14.55 -13.10
CA ARG A 177 -6.47 13.17 -12.64
C ARG A 177 -4.98 12.83 -12.67
N PRO A 178 -4.57 11.83 -11.89
CA PRO A 178 -3.17 11.39 -11.82
C PRO A 178 -2.66 10.86 -13.16
N VAL A 179 -1.35 10.96 -13.37
CA VAL A 179 -0.73 10.47 -14.60
C VAL A 179 0.50 9.67 -14.16
N TYR A 180 1.05 8.88 -15.09
CA TYR A 180 2.16 8.01 -14.77
C TYR A 180 3.33 8.15 -15.74
N LEU A 181 4.52 8.38 -15.19
CA LEU A 181 5.73 8.50 -15.98
C LEU A 181 6.74 7.53 -15.42
N GLU A 182 7.27 6.68 -16.29
CA GLU A 182 8.24 5.66 -15.93
C GLU A 182 9.56 6.00 -16.61
N ILE A 183 10.62 6.18 -15.83
CA ILE A 183 11.92 6.57 -16.38
C ILE A 183 13.06 5.56 -16.18
N PRO A 184 13.48 4.87 -17.26
CA PRO A 184 14.57 3.90 -17.15
C PRO A 184 15.75 4.65 -16.54
N ARG A 185 16.50 4.03 -15.64
CA ARG A 185 17.58 4.79 -15.02
C ARG A 185 18.67 5.31 -15.95
N ASN A 186 18.88 4.67 -17.09
CA ASN A 186 19.92 5.15 -18.02
C ASN A 186 19.44 6.33 -18.87
N MET A 187 18.17 6.71 -18.71
CA MET A 187 17.60 7.82 -19.47
C MET A 187 17.56 9.12 -18.66
N VAL A 188 17.72 8.99 -17.34
CA VAL A 188 17.69 10.13 -16.45
C VAL A 188 18.60 11.26 -16.91
N ASN A 189 19.82 10.91 -17.31
CA ASN A 189 20.79 11.90 -17.75
C ASN A 189 20.92 12.11 -19.26
N ALA A 190 20.02 11.50 -20.03
CA ALA A 190 20.06 11.65 -21.48
C ALA A 190 19.65 13.07 -21.84
N GLU A 191 20.42 13.71 -22.72
CA GLU A 191 20.10 15.07 -23.12
C GLU A 191 18.80 15.10 -23.91
N VAL A 192 17.95 16.08 -23.64
CA VAL A 192 16.68 16.23 -24.35
C VAL A 192 16.40 17.70 -24.59
N GLU A 193 15.54 17.99 -25.57
CA GLU A 193 15.18 19.38 -25.82
C GLU A 193 14.13 19.78 -24.77
N PRO A 194 13.98 21.09 -24.52
CA PRO A 194 13.01 21.56 -23.51
C PRO A 194 11.58 21.13 -23.80
N VAL A 195 10.81 20.90 -22.73
CA VAL A 195 9.41 20.51 -22.85
C VAL A 195 8.58 21.73 -23.20
N GLY A 196 7.76 21.62 -24.24
CA GLY A 196 6.93 22.75 -24.64
C GLY A 196 5.62 22.81 -23.87
N ASP A 197 4.65 23.54 -24.42
CA ASP A 197 3.33 23.68 -23.79
C ASP A 197 2.45 22.45 -23.99
N ASP A 198 1.40 22.35 -23.18
CA ASP A 198 0.49 21.22 -23.29
C ASP A 198 -0.17 21.24 -24.65
N PRO A 199 -0.30 20.06 -25.29
CA PRO A 199 -0.95 20.04 -26.60
C PRO A 199 -2.42 20.38 -26.35
N ALA A 200 -3.10 20.94 -27.33
CA ALA A 200 -4.50 21.32 -27.16
C ALA A 200 -5.48 20.14 -27.21
N TRP A 201 -6.46 20.17 -26.32
CA TRP A 201 -7.50 19.15 -26.29
C TRP A 201 -8.68 19.73 -27.06
N PRO A 202 -9.42 18.89 -27.78
CA PRO A 202 -10.57 19.30 -28.58
C PRO A 202 -11.63 20.13 -27.85
N VAL A 203 -12.27 21.03 -28.58
CA VAL A 203 -13.33 21.87 -28.06
C VAL A 203 -14.33 22.09 -29.19
N ASP A 204 -15.51 21.50 -29.07
CA ASP A 204 -16.54 21.63 -30.10
C ASP A 204 -17.33 22.92 -29.85
N ARG A 205 -16.94 23.98 -30.55
CA ARG A 205 -17.59 25.28 -30.38
C ARG A 205 -19.08 25.31 -30.73
N ASP A 206 -19.51 24.51 -31.69
CA ASP A 206 -20.92 24.48 -32.06
C ASP A 206 -21.69 23.79 -30.94
N ALA A 207 -21.16 22.69 -30.45
CA ALA A 207 -21.79 21.93 -29.38
C ALA A 207 -21.87 22.80 -28.15
N LEU A 208 -20.81 23.57 -27.91
CA LEU A 208 -20.74 24.47 -26.77
C LEU A 208 -21.90 25.47 -26.83
N ALA A 209 -22.14 26.03 -28.00
CA ALA A 209 -23.22 27.01 -28.17
C ALA A 209 -24.59 26.37 -27.94
N ALA A 210 -24.84 25.23 -28.57
CA ALA A 210 -26.12 24.55 -28.42
C ALA A 210 -26.32 24.11 -26.97
N CYS A 211 -25.25 23.61 -26.36
CA CYS A 211 -25.33 23.16 -24.99
C CYS A 211 -25.69 24.32 -24.06
N ALA A 212 -25.01 25.45 -24.20
CA ALA A 212 -25.28 26.61 -23.35
C ALA A 212 -26.73 27.06 -23.49
N ASP A 213 -27.27 27.07 -24.70
CA ASP A 213 -28.66 27.47 -24.89
C ASP A 213 -29.61 26.50 -24.21
N GLU A 214 -29.36 25.20 -24.38
CA GLU A 214 -30.23 24.18 -23.80
C GLU A 214 -30.20 24.22 -22.27
N VAL A 215 -29.01 24.41 -21.70
CA VAL A 215 -28.88 24.49 -20.26
C VAL A 215 -29.70 25.65 -19.71
N LEU A 216 -29.58 26.83 -20.33
CA LEU A 216 -30.34 27.98 -19.87
C LEU A 216 -31.85 27.76 -20.00
N ALA A 217 -32.27 27.12 -21.07
CA ALA A 217 -33.69 26.83 -21.26
C ALA A 217 -34.18 25.89 -20.17
N ALA A 218 -33.42 24.83 -19.90
CA ALA A 218 -33.81 23.87 -18.86
C ALA A 218 -33.87 24.50 -17.45
N MET A 219 -32.94 25.40 -17.16
CA MET A 219 -32.94 26.04 -15.84
C MET A 219 -34.10 27.02 -15.73
N ARG A 220 -34.49 27.65 -16.84
CA ARG A 220 -35.59 28.60 -16.81
C ARG A 220 -36.94 27.93 -16.71
N SER A 221 -37.07 26.72 -17.27
CA SER A 221 -38.34 26.02 -17.23
C SER A 221 -38.55 25.20 -15.97
N ALA A 222 -37.46 24.90 -15.27
CA ALA A 222 -37.56 24.12 -14.04
C ALA A 222 -38.36 24.86 -12.97
N THR A 223 -39.12 24.11 -12.19
CA THR A 223 -39.92 24.68 -11.12
C THR A 223 -39.00 24.98 -9.93
N SER A 224 -38.04 24.10 -9.72
CA SER A 224 -37.10 24.24 -8.62
C SER A 224 -35.68 23.93 -9.07
N PRO A 225 -35.08 24.83 -9.85
CA PRO A 225 -33.71 24.64 -10.33
C PRO A 225 -32.73 24.84 -9.18
N VAL A 226 -31.59 24.17 -9.28
CA VAL A 226 -30.56 24.29 -8.25
C VAL A 226 -29.20 24.28 -8.94
N LEU A 227 -28.32 25.20 -8.57
CA LEU A 227 -26.97 25.20 -9.15
C LEU A 227 -26.02 24.61 -8.11
N MET A 228 -25.36 23.50 -8.43
CA MET A 228 -24.41 22.90 -7.51
C MET A 228 -22.99 23.23 -7.97
N VAL A 229 -22.19 23.81 -7.06
CA VAL A 229 -20.80 24.18 -7.37
C VAL A 229 -19.95 23.05 -6.83
N CYS A 230 -19.21 22.42 -7.74
CA CYS A 230 -18.46 21.23 -7.38
C CYS A 230 -16.94 21.20 -7.55
N VAL A 231 -16.37 20.00 -7.42
CA VAL A 231 -14.92 19.84 -7.46
C VAL A 231 -14.18 20.46 -8.63
N GLU A 232 -14.66 20.28 -9.86
CA GLU A 232 -13.93 20.87 -10.99
C GLU A 232 -13.83 22.38 -10.91
N VAL A 233 -14.83 23.05 -10.32
CA VAL A 233 -14.79 24.50 -10.19
C VAL A 233 -13.53 24.87 -9.39
N ARG A 234 -13.28 24.13 -8.30
CA ARG A 234 -12.10 24.40 -7.49
C ARG A 234 -10.82 24.00 -8.22
N ARG A 235 -10.77 22.79 -8.75
CA ARG A 235 -9.58 22.32 -9.43
C ARG A 235 -9.09 23.24 -10.57
N TYR A 236 -10.04 23.74 -11.37
CA TYR A 236 -9.69 24.59 -12.50
C TYR A 236 -9.62 26.09 -12.21
N GLY A 237 -9.68 26.46 -10.93
CA GLY A 237 -9.60 27.85 -10.55
C GLY A 237 -10.67 28.75 -11.14
N LEU A 238 -11.90 28.24 -11.18
CA LEU A 238 -13.01 28.99 -11.75
C LEU A 238 -13.94 29.64 -10.73
N GLU A 239 -13.49 29.82 -9.49
CA GLU A 239 -14.41 30.39 -8.49
C GLU A 239 -14.98 31.77 -8.84
N ALA A 240 -14.13 32.69 -9.34
CA ALA A 240 -14.60 34.03 -9.69
C ALA A 240 -15.65 34.02 -10.81
N LYS A 241 -15.41 33.21 -11.84
CA LYS A 241 -16.33 33.11 -12.97
C LYS A 241 -17.64 32.47 -12.53
N VAL A 242 -17.54 31.48 -11.65
CA VAL A 242 -18.75 30.79 -11.21
C VAL A 242 -19.55 31.67 -10.24
N ALA A 243 -18.86 32.54 -9.51
CA ALA A 243 -19.56 33.44 -8.60
C ALA A 243 -20.39 34.38 -9.48
N GLU A 244 -19.79 34.85 -10.57
CA GLU A 244 -20.48 35.75 -11.48
C GLU A 244 -21.67 35.00 -12.11
N LEU A 245 -21.42 33.77 -12.55
CA LEU A 245 -22.49 32.98 -13.15
C LEU A 245 -23.64 32.75 -12.18
N ALA A 246 -23.32 32.42 -10.92
CA ALA A 246 -24.35 32.16 -9.91
C ALA A 246 -25.23 33.39 -9.70
N GLN A 247 -24.63 34.57 -9.69
CA GLN A 247 -25.42 35.78 -9.51
C GLN A 247 -26.33 36.00 -10.70
N ARG A 248 -25.81 35.82 -11.90
CA ARG A 248 -26.62 36.04 -13.10
C ARG A 248 -27.69 34.98 -13.36
N LEU A 249 -27.39 33.73 -13.01
CA LEU A 249 -28.32 32.61 -13.24
C LEU A 249 -29.57 32.73 -12.37
N GLY A 250 -29.43 33.26 -11.17
CA GLY A 250 -30.57 33.47 -10.31
C GLY A 250 -31.31 32.28 -9.71
N VAL A 251 -30.59 31.19 -9.46
CA VAL A 251 -31.20 30.02 -8.87
C VAL A 251 -30.47 29.67 -7.56
N PRO A 252 -31.12 28.89 -6.67
CA PRO A 252 -30.49 28.50 -5.41
C PRO A 252 -29.12 27.88 -5.66
N VAL A 253 -28.17 28.19 -4.80
CA VAL A 253 -26.81 27.69 -4.93
C VAL A 253 -26.45 26.76 -3.78
N VAL A 254 -25.82 25.63 -4.10
CA VAL A 254 -25.41 24.65 -3.10
C VAL A 254 -24.04 24.10 -3.52
N THR A 255 -23.22 23.63 -2.58
CA THR A 255 -21.94 23.04 -2.97
C THR A 255 -21.91 21.57 -2.58
N THR A 256 -21.05 20.80 -3.25
CA THR A 256 -20.88 19.40 -2.92
C THR A 256 -19.76 19.46 -1.88
N PHE A 257 -19.42 18.31 -1.31
CA PHE A 257 -18.35 18.26 -0.32
C PHE A 257 -17.04 18.81 -0.86
N MET A 258 -16.68 18.40 -2.09
CA MET A 258 -15.43 18.87 -2.68
C MET A 258 -15.50 20.33 -3.12
N GLY A 259 -16.70 20.91 -3.13
CA GLY A 259 -16.86 22.30 -3.49
C GLY A 259 -17.05 23.16 -2.25
N ARG A 260 -17.02 22.52 -1.07
CA ARG A 260 -17.20 23.22 0.20
C ARG A 260 -16.32 24.47 0.32
N GLY A 261 -16.94 25.61 0.65
CA GLY A 261 -16.18 26.85 0.80
C GLY A 261 -16.19 27.75 -0.42
N LEU A 262 -16.48 27.19 -1.59
CA LEU A 262 -16.51 27.98 -2.81
C LEU A 262 -17.66 29.00 -2.73
N LEU A 263 -17.42 30.19 -3.30
CA LEU A 263 -18.40 31.26 -3.33
C LEU A 263 -18.83 31.75 -1.94
N ALA A 264 -18.03 31.48 -0.92
CA ALA A 264 -18.42 31.92 0.43
C ALA A 264 -18.53 33.44 0.52
N ASP A 265 -17.72 34.15 -0.27
CA ASP A 265 -17.76 35.61 -0.25
C ASP A 265 -18.51 36.23 -1.42
N ALA A 266 -19.24 35.42 -2.17
CA ALA A 266 -19.98 35.92 -3.34
C ALA A 266 -21.34 36.52 -3.00
N PRO A 267 -21.94 37.26 -3.95
CA PRO A 267 -23.26 37.89 -3.80
C PRO A 267 -24.34 36.86 -3.53
N THR A 268 -24.21 35.68 -4.14
CA THR A 268 -25.16 34.58 -3.95
C THR A 268 -24.37 33.37 -3.48
N PRO A 269 -24.03 33.34 -2.18
CA PRO A 269 -23.28 32.24 -1.60
C PRO A 269 -24.11 30.97 -1.49
N PRO A 270 -23.45 29.81 -1.31
CA PRO A 270 -24.17 28.55 -1.17
C PRO A 270 -25.05 28.55 0.08
N LEU A 271 -26.23 27.93 0.00
CA LEU A 271 -27.14 27.83 1.13
C LEU A 271 -26.58 26.82 2.12
N GLY A 272 -25.74 25.94 1.60
CA GLY A 272 -25.12 24.91 2.42
C GLY A 272 -24.40 23.92 1.53
N THR A 273 -23.88 22.85 2.13
CA THR A 273 -23.17 21.82 1.40
C THR A 273 -23.99 20.53 1.43
N TYR A 274 -24.21 19.95 0.26
CA TYR A 274 -24.94 18.71 0.15
C TYR A 274 -23.98 17.54 0.35
N ILE A 275 -24.34 16.60 1.22
CA ILE A 275 -23.50 15.44 1.46
C ILE A 275 -24.34 14.19 1.70
N GLY A 276 -25.60 14.23 1.28
CA GLY A 276 -26.46 13.08 1.47
C GLY A 276 -27.20 13.11 2.79
N VAL A 277 -27.69 11.94 3.22
CA VAL A 277 -28.46 11.86 4.46
C VAL A 277 -27.78 12.42 5.70
N ALA A 278 -26.45 12.47 5.70
CA ALA A 278 -25.73 13.00 6.85
C ALA A 278 -25.88 14.52 7.03
N GLY A 279 -26.22 15.22 5.95
CA GLY A 279 -26.32 16.67 6.02
C GLY A 279 -27.64 17.30 6.43
N ASP A 280 -27.78 18.61 6.19
CA ASP A 280 -29.00 19.31 6.55
C ASP A 280 -30.18 18.84 5.71
N ALA A 281 -31.25 18.45 6.39
CA ALA A 281 -32.46 17.95 5.74
C ALA A 281 -33.01 18.90 4.67
N GLU A 282 -32.98 20.19 4.93
CA GLU A 282 -33.48 21.17 3.95
C GLU A 282 -32.64 21.15 2.68
N ILE A 283 -31.32 21.16 2.85
CA ILE A 283 -30.39 21.15 1.71
C ILE A 283 -30.58 19.85 0.92
N THR A 284 -30.65 18.74 1.64
CA THR A 284 -30.83 17.44 1.00
C THR A 284 -32.12 17.40 0.18
N ARG A 285 -33.19 17.94 0.75
CA ARG A 285 -34.48 17.99 0.07
C ARG A 285 -34.41 18.82 -1.21
N LEU A 286 -33.85 20.03 -1.08
CA LEU A 286 -33.72 20.93 -2.22
C LEU A 286 -33.01 20.28 -3.40
N VAL A 287 -31.89 19.63 -3.11
CA VAL A 287 -31.12 18.96 -4.15
C VAL A 287 -31.84 17.77 -4.76
N GLU A 288 -32.29 16.87 -3.92
CA GLU A 288 -32.94 15.66 -4.40
C GLU A 288 -34.31 15.83 -5.06
N GLU A 289 -35.00 16.94 -4.77
CA GLU A 289 -36.30 17.16 -5.39
C GLU A 289 -36.21 18.14 -6.56
N SER A 290 -35.00 18.56 -6.90
CA SER A 290 -34.83 19.50 -8.01
C SER A 290 -35.19 18.93 -9.37
N ASP A 291 -35.88 19.72 -10.18
CA ASP A 291 -36.25 19.29 -11.52
C ASP A 291 -35.38 20.08 -12.53
N GLY A 292 -34.26 20.58 -12.03
CA GLY A 292 -33.31 21.33 -12.85
C GLY A 292 -32.01 21.41 -12.06
N LEU A 293 -31.38 20.25 -11.85
CA LEU A 293 -30.14 20.15 -11.08
C LEU A 293 -28.90 20.31 -11.96
N PHE A 294 -28.25 21.47 -11.85
CA PHE A 294 -27.07 21.77 -12.64
C PHE A 294 -25.83 21.41 -11.81
N LEU A 295 -25.28 20.23 -12.07
CA LEU A 295 -24.09 19.76 -11.39
C LEU A 295 -22.89 20.31 -12.15
N LEU A 296 -22.39 21.45 -11.71
CA LEU A 296 -21.25 22.11 -12.36
C LEU A 296 -19.90 21.58 -11.85
N GLY A 297 -19.37 20.58 -12.56
CA GLY A 297 -18.08 19.98 -12.24
C GLY A 297 -18.11 18.89 -11.18
N ALA A 298 -19.23 18.20 -11.05
CA ALA A 298 -19.39 17.17 -10.01
C ALA A 298 -19.02 15.72 -10.30
N ILE A 299 -18.42 15.07 -9.30
CA ILE A 299 -18.13 13.66 -9.36
C ILE A 299 -19.50 13.06 -9.00
N LEU A 300 -19.89 12.03 -9.74
CA LEU A 300 -21.16 11.34 -9.50
C LEU A 300 -20.83 9.93 -9.06
N SER A 301 -21.23 9.56 -7.85
CA SER A 301 -20.94 8.22 -7.37
C SER A 301 -21.76 7.88 -6.13
N ASP A 302 -21.92 6.59 -5.88
CA ASP A 302 -22.67 6.14 -4.71
C ASP A 302 -21.62 5.80 -3.68
N THR A 303 -20.95 6.82 -3.14
CA THR A 303 -19.90 6.63 -2.15
C THR A 303 -19.81 7.77 -1.15
N ASN A 304 -20.06 7.43 0.11
CA ASN A 304 -20.00 8.38 1.22
C ASN A 304 -20.70 9.71 0.92
N PHE A 305 -19.93 10.80 0.85
CA PHE A 305 -20.52 12.14 0.64
C PHE A 305 -20.79 12.59 -0.79
N ALA A 306 -20.46 11.78 -1.79
CA ALA A 306 -20.67 12.20 -3.17
C ALA A 306 -22.14 12.26 -3.57
N VAL A 307 -22.41 13.09 -4.58
CA VAL A 307 -23.77 13.19 -5.10
C VAL A 307 -23.98 11.86 -5.82
N SER A 308 -25.01 11.12 -5.41
CA SER A 308 -25.30 9.81 -6.00
C SER A 308 -26.39 9.82 -7.07
N GLN A 309 -26.11 9.13 -8.17
CA GLN A 309 -27.06 9.03 -9.28
C GLN A 309 -28.35 8.40 -8.79
N ARG A 310 -28.27 7.68 -7.67
CA ARG A 310 -29.43 7.01 -7.09
C ARG A 310 -30.30 7.92 -6.22
N LYS A 311 -29.81 9.10 -5.88
CA LYS A 311 -30.58 10.00 -5.02
C LYS A 311 -31.20 11.18 -5.77
N ILE A 312 -30.73 11.43 -6.99
CA ILE A 312 -31.24 12.53 -7.80
C ILE A 312 -31.96 12.01 -9.03
N ASP A 313 -32.61 12.91 -9.77
CA ASP A 313 -33.31 12.53 -10.98
C ASP A 313 -32.43 12.90 -12.17
N LEU A 314 -31.69 11.93 -12.69
CA LEU A 314 -30.79 12.19 -13.81
C LEU A 314 -31.51 12.76 -15.03
N ARG A 315 -32.79 12.47 -15.18
CA ARG A 315 -33.56 12.97 -16.31
C ARG A 315 -33.62 14.49 -16.33
N LYS A 316 -33.61 15.09 -15.15
CA LYS A 316 -33.68 16.55 -15.03
C LYS A 316 -32.35 17.11 -14.54
N THR A 317 -31.29 16.33 -14.72
CA THR A 317 -29.97 16.75 -14.28
C THR A 317 -29.11 17.17 -15.45
N ILE A 318 -28.32 18.22 -15.23
CA ILE A 318 -27.38 18.72 -16.23
C ILE A 318 -26.04 18.43 -15.56
N HIS A 319 -25.30 17.46 -16.09
CA HIS A 319 -24.03 17.04 -15.54
C HIS A 319 -22.85 17.52 -16.40
N ALA A 320 -22.12 18.53 -15.92
CA ALA A 320 -20.95 19.07 -16.63
C ALA A 320 -19.75 18.53 -15.89
N PHE A 321 -18.96 17.67 -16.55
CA PHE A 321 -17.84 17.01 -15.88
C PHE A 321 -16.98 16.28 -16.92
N ASP A 322 -15.69 16.15 -16.63
CA ASP A 322 -14.77 15.45 -17.54
C ASP A 322 -14.84 15.94 -18.99
N ARG A 323 -14.91 17.26 -19.15
CA ARG A 323 -14.98 17.89 -20.48
C ARG A 323 -16.17 17.49 -21.34
N ALA A 324 -17.30 17.21 -20.68
CA ALA A 324 -18.52 16.84 -21.39
C ALA A 324 -19.70 17.37 -20.58
N VAL A 325 -20.86 17.42 -21.21
CA VAL A 325 -22.07 17.88 -20.52
C VAL A 325 -23.23 16.98 -20.93
N THR A 326 -23.91 16.41 -19.94
CA THR A 326 -25.04 15.53 -20.18
C THR A 326 -26.36 16.10 -19.67
N LEU A 327 -27.36 16.16 -20.54
CA LEU A 327 -28.70 16.62 -20.20
C LEU A 327 -29.72 16.15 -21.23
N GLY A 328 -31.00 16.26 -20.88
CA GLY A 328 -32.05 15.85 -21.79
C GLY A 328 -31.76 14.54 -22.50
N TYR A 329 -31.18 13.59 -21.75
CA TYR A 329 -30.84 12.26 -22.25
C TYR A 329 -29.57 12.16 -23.11
N HIS A 330 -29.09 13.29 -23.63
CA HIS A 330 -27.89 13.25 -24.47
C HIS A 330 -26.65 13.92 -23.89
N THR A 331 -25.51 13.63 -24.52
CA THR A 331 -24.24 14.17 -24.07
C THR A 331 -23.50 14.97 -25.14
N TYR A 332 -23.01 16.13 -24.75
CA TYR A 332 -22.22 16.98 -25.63
C TYR A 332 -20.79 16.68 -25.25
N ALA A 333 -19.98 16.29 -26.22
CA ALA A 333 -18.59 15.99 -25.97
C ALA A 333 -17.72 17.20 -26.24
N ASP A 334 -16.50 17.18 -25.72
CA ASP A 334 -15.52 18.24 -25.92
C ASP A 334 -15.95 19.64 -25.51
N ILE A 335 -16.46 19.74 -24.28
CA ILE A 335 -16.88 21.01 -23.72
C ILE A 335 -16.18 21.19 -22.39
N PRO A 336 -15.12 22.01 -22.36
CA PRO A 336 -14.37 22.26 -21.13
C PRO A 336 -15.28 23.07 -20.20
N LEU A 337 -15.16 22.83 -18.90
CA LEU A 337 -15.99 23.53 -17.94
C LEU A 337 -15.85 25.05 -18.01
N ALA A 338 -14.63 25.54 -18.21
CA ALA A 338 -14.39 26.98 -18.30
C ALA A 338 -15.11 27.57 -19.53
N GLY A 339 -15.12 26.80 -20.62
CA GLY A 339 -15.78 27.26 -21.83
C GLY A 339 -17.29 27.33 -21.65
N LEU A 340 -17.85 26.34 -20.95
CA LEU A 340 -19.28 26.31 -20.72
C LEU A 340 -19.70 27.51 -19.87
N VAL A 341 -18.93 27.78 -18.81
CA VAL A 341 -19.24 28.90 -17.94
C VAL A 341 -19.19 30.22 -18.73
N ASP A 342 -18.17 30.39 -19.58
CA ASP A 342 -18.09 31.63 -20.35
C ASP A 342 -19.27 31.76 -21.31
N ALA A 343 -19.66 30.65 -21.93
CA ALA A 343 -20.77 30.65 -22.88
C ALA A 343 -22.08 31.02 -22.21
N LEU A 344 -22.27 30.56 -20.97
CA LEU A 344 -23.48 30.88 -20.24
C LEU A 344 -23.47 32.36 -19.85
N LEU A 345 -22.31 32.87 -19.45
CA LEU A 345 -22.18 34.27 -19.05
C LEU A 345 -22.52 35.19 -20.22
N GLU A 346 -22.11 34.79 -21.42
CA GLU A 346 -22.36 35.56 -22.63
C GLU A 346 -23.85 35.61 -22.97
N ARG A 347 -24.62 34.72 -22.36
CA ARG A 347 -26.06 34.64 -22.61
C ARG A 347 -26.93 35.15 -21.46
N LEU A 348 -26.28 35.66 -20.42
CA LEU A 348 -26.98 36.17 -19.25
C LEU A 348 -26.58 37.61 -18.97
N PRO A 349 -27.58 38.50 -18.78
CA PRO A 349 -27.23 39.90 -18.51
C PRO A 349 -26.75 40.04 -17.06
N PRO A 350 -25.99 41.10 -16.77
CA PRO A 350 -25.49 41.33 -15.41
C PRO A 350 -26.65 41.42 -14.42
N SER A 351 -26.37 41.24 -13.13
CA SER A 351 -27.39 41.32 -12.09
C SER A 351 -26.76 41.75 -10.77
N ASP A 352 -27.51 42.45 -9.94
CA ASP A 352 -27.01 42.88 -8.64
C ASP A 352 -27.63 42.01 -7.55
N ARG A 353 -28.31 40.95 -7.99
CA ARG A 353 -28.96 40.01 -7.10
C ARG A 353 -28.01 39.59 -5.97
N THR A 354 -28.52 39.61 -4.75
CA THR A 354 -27.73 39.24 -3.59
C THR A 354 -28.59 38.43 -2.63
N THR A 355 -28.09 37.27 -2.20
CA THR A 355 -28.84 36.42 -1.28
C THR A 355 -28.02 36.13 -0.03
N ARG A 356 -27.05 36.98 0.26
CA ARG A 356 -26.25 36.80 1.46
C ARG A 356 -27.18 36.99 2.67
N GLY A 357 -26.81 36.38 3.78
CA GLY A 357 -27.61 36.49 4.98
C GLY A 357 -26.79 35.97 6.15
N LYS A 358 -27.37 35.93 7.33
CA LYS A 358 -26.62 35.44 8.47
C LYS A 358 -26.26 33.97 8.25
N GLU A 359 -25.05 33.62 8.66
CA GLU A 359 -24.49 32.28 8.54
C GLU A 359 -25.42 31.09 8.39
N PRO A 360 -25.18 30.27 7.37
CA PRO A 360 -25.99 29.07 7.11
C PRO A 360 -25.27 27.97 7.91
N HIS A 361 -26.01 27.09 8.55
CA HIS A 361 -25.39 26.02 9.33
C HIS A 361 -24.63 26.62 10.51
N ALA A 362 -25.21 26.50 11.69
CA ALA A 362 -24.58 27.04 12.90
C ALA A 362 -23.48 26.11 13.40
N TYR A 363 -22.30 26.68 13.62
CA TYR A 363 -21.17 25.92 14.13
C TYR A 363 -21.30 25.79 15.63
N PRO A 364 -21.08 24.58 16.16
CA PRO A 364 -21.17 24.37 17.61
C PRO A 364 -20.10 25.13 18.38
N THR A 365 -20.53 25.79 19.46
CA THR A 365 -19.61 26.55 20.29
C THR A 365 -19.94 26.34 21.76
N GLY A 366 -19.16 26.99 22.62
CA GLY A 366 -19.39 26.89 24.06
C GLY A 366 -18.98 25.61 24.72
N LEU A 367 -17.72 25.21 24.56
CA LEU A 367 -17.22 24.00 25.21
C LEU A 367 -17.31 24.13 26.72
N GLN A 368 -17.86 23.11 27.37
CA GLN A 368 -17.95 23.10 28.83
C GLN A 368 -16.66 22.47 29.34
N ALA A 369 -15.68 23.30 29.65
CA ALA A 369 -14.37 22.83 30.11
C ALA A 369 -14.41 22.30 31.54
N ASP A 370 -14.99 21.12 31.71
CA ASP A 370 -15.13 20.51 33.02
C ASP A 370 -14.55 19.10 33.09
N GLY A 371 -14.95 18.34 34.11
CA GLY A 371 -14.44 17.00 34.31
C GLY A 371 -15.12 15.85 33.56
N GLU A 372 -16.05 16.14 32.67
CA GLU A 372 -16.74 15.08 31.92
C GLU A 372 -15.87 14.55 30.79
N PRO A 373 -16.12 13.31 30.36
CA PRO A 373 -15.33 12.74 29.26
C PRO A 373 -15.52 13.55 27.97
N ILE A 374 -14.68 13.28 26.99
CA ILE A 374 -14.72 14.00 25.73
C ILE A 374 -15.57 13.31 24.67
N ALA A 375 -16.38 14.08 23.96
CA ALA A 375 -17.18 13.55 22.87
C ALA A 375 -16.70 14.31 21.63
N PRO A 376 -16.88 13.73 20.45
CA PRO A 376 -16.46 14.40 19.22
C PRO A 376 -16.95 15.85 19.12
N MET A 377 -18.21 16.10 19.49
CA MET A 377 -18.73 17.46 19.41
C MET A 377 -18.00 18.45 20.33
N ASP A 378 -17.40 17.94 21.40
CA ASP A 378 -16.65 18.79 22.33
C ASP A 378 -15.37 19.23 21.61
N ILE A 379 -14.77 18.34 20.83
CA ILE A 379 -13.56 18.70 20.09
C ILE A 379 -13.94 19.78 19.08
N ALA A 380 -15.10 19.64 18.43
CA ALA A 380 -15.54 20.65 17.48
C ALA A 380 -15.71 22.00 18.21
N ARG A 381 -16.35 21.98 19.38
CA ARG A 381 -16.55 23.21 20.14
C ARG A 381 -15.24 23.84 20.59
N ALA A 382 -14.27 23.00 20.96
CA ALA A 382 -12.99 23.54 21.41
C ALA A 382 -12.32 24.31 20.30
N VAL A 383 -12.36 23.74 19.09
CA VAL A 383 -11.75 24.36 17.93
C VAL A 383 -12.49 25.65 17.56
N ASN A 384 -13.81 25.58 17.51
CA ASN A 384 -14.61 26.74 17.13
C ASN A 384 -14.53 27.89 18.12
N ASP A 385 -14.45 27.59 19.41
CA ASP A 385 -14.36 28.64 20.42
C ASP A 385 -13.09 29.45 20.21
N ARG A 386 -11.97 28.79 19.91
CA ARG A 386 -10.72 29.51 19.68
C ARG A 386 -10.87 30.47 18.49
N VAL A 387 -11.51 30.00 17.43
CA VAL A 387 -11.73 30.83 16.25
C VAL A 387 -12.60 32.03 16.59
N ARG A 388 -13.71 31.79 17.29
CA ARG A 388 -14.62 32.87 17.67
C ARG A 388 -13.92 33.87 18.61
N ALA A 389 -12.92 33.40 19.35
CA ALA A 389 -12.18 34.25 20.27
C ALA A 389 -11.08 35.03 19.54
N GLY A 390 -10.99 34.87 18.22
CA GLY A 390 -9.98 35.61 17.47
C GLY A 390 -8.92 34.85 16.69
N GLN A 391 -8.83 33.53 16.85
CA GLN A 391 -7.82 32.77 16.12
C GLN A 391 -8.19 32.61 14.65
N GLU A 392 -7.27 32.96 13.75
CA GLU A 392 -7.55 32.79 12.33
C GLU A 392 -7.67 31.27 12.12
N PRO A 393 -8.73 30.82 11.45
CA PRO A 393 -8.91 29.38 11.22
C PRO A 393 -7.77 28.73 10.45
N LEU A 394 -7.51 27.46 10.73
CA LEU A 394 -6.47 26.73 10.01
C LEU A 394 -7.14 25.84 8.98
N LEU A 395 -6.44 25.51 7.91
CA LEU A 395 -7.00 24.56 6.95
C LEU A 395 -6.92 23.23 7.70
N ILE A 396 -7.92 22.38 7.51
CA ILE A 396 -7.98 21.10 8.19
C ILE A 396 -7.79 19.93 7.23
N ALA A 397 -6.92 19.00 7.62
CA ALA A 397 -6.71 17.78 6.84
C ALA A 397 -7.38 16.71 7.71
N ALA A 398 -8.31 15.95 7.14
CA ALA A 398 -8.98 14.92 7.92
C ALA A 398 -8.83 13.54 7.29
N ASP A 399 -8.70 12.53 8.14
CA ASP A 399 -8.63 11.15 7.66
C ASP A 399 -10.10 10.70 7.50
N MET A 400 -10.32 9.43 7.17
CA MET A 400 -11.68 8.90 7.06
C MET A 400 -12.01 8.33 8.44
N GLY A 401 -13.23 8.59 8.91
CA GLY A 401 -13.66 8.14 10.23
C GLY A 401 -14.52 9.23 10.85
N ASP A 402 -14.90 9.09 12.12
CA ASP A 402 -15.72 10.14 12.74
C ASP A 402 -14.94 11.46 12.77
N CYS A 403 -13.61 11.39 12.63
CA CYS A 403 -12.82 12.61 12.63
C CYS A 403 -13.30 13.54 11.51
N LEU A 404 -13.64 12.95 10.36
CA LEU A 404 -14.14 13.71 9.21
C LEU A 404 -15.56 14.22 9.46
N PHE A 405 -16.41 13.35 10.00
CA PHE A 405 -17.79 13.76 10.30
C PHE A 405 -17.78 14.89 11.33
N THR A 406 -16.80 14.88 12.22
CA THR A 406 -16.68 15.94 13.24
C THR A 406 -16.16 17.24 12.59
N ALA A 407 -15.19 17.09 11.69
CA ALA A 407 -14.61 18.23 11.00
C ALA A 407 -15.63 19.01 10.19
N MET A 408 -16.70 18.34 9.77
CA MET A 408 -17.75 19.01 9.00
C MET A 408 -18.37 20.15 9.84
N ASP A 409 -18.27 20.04 11.16
CA ASP A 409 -18.81 21.06 12.06
C ASP A 409 -17.73 21.95 12.67
N MET A 410 -16.57 22.01 12.03
CA MET A 410 -15.47 22.84 12.50
C MET A 410 -15.28 24.01 11.52
N ILE A 411 -15.03 25.18 12.07
CA ILE A 411 -14.78 26.37 11.25
C ILE A 411 -13.36 26.17 10.70
N ASP A 412 -13.21 26.20 9.38
CA ASP A 412 -11.90 25.99 8.79
C ASP A 412 -11.54 27.04 7.74
N ALA A 413 -10.32 26.90 7.22
CA ALA A 413 -9.81 27.76 6.16
C ALA A 413 -9.55 26.77 5.04
N GLY A 414 -10.51 25.85 4.88
CA GLY A 414 -10.41 24.80 3.88
C GLY A 414 -10.41 23.45 4.61
N LEU A 415 -10.96 22.44 3.95
CA LEU A 415 -11.03 21.07 4.51
C LEU A 415 -10.60 20.13 3.38
N MET A 416 -9.61 19.31 3.68
CA MET A 416 -9.06 18.37 2.73
C MET A 416 -9.29 16.99 3.34
N ALA A 417 -9.99 16.11 2.65
CA ALA A 417 -10.28 14.79 3.20
C ALA A 417 -10.80 13.85 2.13
N PRO A 418 -10.69 12.53 2.36
CA PRO A 418 -11.19 11.56 1.36
C PRO A 418 -12.72 11.40 1.50
N GLY A 419 -13.44 12.52 1.35
CA GLY A 419 -14.88 12.51 1.50
C GLY A 419 -15.67 11.60 0.58
N TYR A 420 -15.11 11.25 -0.58
CA TYR A 420 -15.81 10.34 -1.50
C TYR A 420 -15.12 8.97 -1.51
N TYR A 421 -13.80 8.96 -1.66
CA TYR A 421 -13.03 7.71 -1.72
C TYR A 421 -13.06 6.95 -0.39
N ALA A 422 -13.11 7.71 0.71
CA ALA A 422 -13.19 7.15 2.06
C ALA A 422 -12.09 6.16 2.43
N GLY A 423 -10.89 6.38 1.90
CA GLY A 423 -9.79 5.48 2.25
C GLY A 423 -9.04 6.03 3.46
N MET A 424 -8.72 5.17 4.42
CA MET A 424 -8.00 5.62 5.60
C MET A 424 -6.51 5.81 5.36
N GLY A 425 -5.89 6.65 6.19
CA GLY A 425 -4.47 6.90 6.12
C GLY A 425 -4.09 8.23 5.50
N PHE A 426 -5.06 8.85 4.83
CA PHE A 426 -4.84 10.13 4.14
C PHE A 426 -4.46 11.29 5.08
N GLY A 427 -5.11 11.32 6.24
CA GLY A 427 -4.98 12.41 7.19
C GLY A 427 -3.68 13.06 7.58
N VAL A 428 -2.85 12.31 8.30
CA VAL A 428 -1.58 12.87 8.74
C VAL A 428 -0.69 13.19 7.54
N PRO A 429 -0.55 12.25 6.59
CA PRO A 429 0.30 12.57 5.42
C PRO A 429 -0.20 13.77 4.62
N ALA A 430 -1.52 13.96 4.54
CA ALA A 430 -2.09 15.10 3.82
C ALA A 430 -1.75 16.38 4.57
N GLY A 431 -1.89 16.34 5.89
CA GLY A 431 -1.53 17.51 6.68
C GLY A 431 -0.08 17.87 6.47
N ILE A 432 0.77 16.85 6.39
CA ILE A 432 2.20 17.06 6.17
C ILE A 432 2.48 17.64 4.77
N GLY A 433 1.85 17.04 3.77
CA GLY A 433 2.03 17.49 2.38
C GLY A 433 1.55 18.93 2.22
N ALA A 434 0.40 19.21 2.81
CA ALA A 434 -0.15 20.56 2.73
C ALA A 434 0.76 21.57 3.45
N GLN A 435 1.24 21.24 4.65
CA GLN A 435 2.07 22.22 5.32
C GLN A 435 3.42 22.40 4.63
N CYS A 436 3.88 21.38 3.92
CA CYS A 436 5.15 21.53 3.20
C CYS A 436 5.06 22.63 2.14
N VAL A 437 3.87 22.87 1.61
CA VAL A 437 3.71 23.91 0.57
C VAL A 437 2.86 25.10 1.02
N SER A 438 2.57 25.20 2.32
CA SER A 438 1.71 26.27 2.84
C SER A 438 2.43 27.55 3.23
N GLY A 439 3.73 27.60 3.00
CA GLY A 439 4.48 28.79 3.37
C GLY A 439 4.33 29.20 4.82
N GLY A 440 4.43 28.23 5.74
CA GLY A 440 4.32 28.55 7.15
C GLY A 440 2.95 28.51 7.78
N LYS A 441 1.88 28.44 6.98
CA LYS A 441 0.53 28.38 7.52
C LYS A 441 0.38 27.02 8.20
N ARG A 442 0.02 27.05 9.48
CA ARG A 442 -0.12 25.81 10.22
C ARG A 442 -1.36 25.03 9.77
N ILE A 443 -1.24 23.70 9.74
CA ILE A 443 -2.34 22.83 9.33
C ILE A 443 -2.81 22.04 10.56
N LEU A 444 -4.13 21.90 10.69
CA LEU A 444 -4.74 21.14 11.78
C LEU A 444 -5.18 19.81 11.16
N THR A 445 -4.72 18.71 11.72
CA THR A 445 -5.07 17.40 11.20
C THR A 445 -5.97 16.72 12.23
N VAL A 446 -7.05 16.07 11.77
CA VAL A 446 -7.91 15.31 12.70
C VAL A 446 -7.84 13.87 12.17
N VAL A 447 -7.68 12.91 13.07
CA VAL A 447 -7.49 11.53 12.67
C VAL A 447 -7.89 10.59 13.81
N GLY A 448 -8.46 9.44 13.47
CA GLY A 448 -8.85 8.48 14.49
C GLY A 448 -7.71 7.53 14.86
N ASP A 449 -7.92 6.71 15.90
CA ASP A 449 -6.88 5.80 16.33
C ASP A 449 -6.57 4.71 15.29
N GLY A 450 -7.61 4.17 14.65
CA GLY A 450 -7.37 3.17 13.61
C GLY A 450 -6.52 3.73 12.48
N ALA A 451 -6.87 4.91 11.99
CA ALA A 451 -6.10 5.53 10.90
C ALA A 451 -4.69 5.94 11.35
N PHE A 452 -4.55 6.37 12.59
CA PHE A 452 -3.23 6.78 13.05
C PHE A 452 -2.27 5.58 13.08
N GLN A 453 -2.77 4.39 13.43
CA GLN A 453 -1.93 3.20 13.45
C GLN A 453 -1.37 2.91 12.06
N MET A 454 -2.09 3.39 11.04
CA MET A 454 -1.66 3.16 9.66
C MET A 454 -0.54 4.12 9.19
N THR A 455 -0.81 5.42 9.31
CA THR A 455 0.14 6.43 8.80
C THR A 455 0.46 7.62 9.70
N GLY A 456 -0.02 7.62 10.94
CA GLY A 456 0.28 8.75 11.82
C GLY A 456 1.76 8.89 12.13
N TRP A 457 2.49 7.78 12.02
CA TRP A 457 3.92 7.73 12.30
C TRP A 457 4.72 8.63 11.38
N GLU A 458 4.12 9.04 10.27
CA GLU A 458 4.84 9.92 9.35
C GLU A 458 5.21 11.25 10.05
N LEU A 459 4.58 11.53 11.18
CA LEU A 459 4.89 12.76 11.92
C LEU A 459 6.37 12.78 12.33
N GLY A 460 7.00 11.61 12.30
CA GLY A 460 8.41 11.55 12.66
C GLY A 460 9.28 12.31 11.67
N ASN A 461 8.68 12.71 10.54
CA ASN A 461 9.42 13.45 9.53
C ASN A 461 9.25 14.95 9.60
N CYS A 462 8.39 15.42 10.51
CA CYS A 462 8.14 16.85 10.64
C CYS A 462 9.38 17.72 10.85
N ARG A 463 10.25 17.30 11.75
CA ARG A 463 11.45 18.08 12.07
C ARG A 463 12.30 18.29 10.82
N ARG A 464 12.60 17.21 10.10
CA ARG A 464 13.43 17.34 8.89
C ARG A 464 12.72 18.18 7.85
N LEU A 465 11.39 18.07 7.77
CA LEU A 465 10.61 18.83 6.79
C LEU A 465 10.41 20.30 7.20
N GLY A 466 10.72 20.61 8.45
CA GLY A 466 10.57 21.98 8.93
C GLY A 466 9.14 22.42 9.12
N ILE A 467 8.28 21.50 9.53
CA ILE A 467 6.86 21.82 9.76
C ILE A 467 6.42 21.40 11.17
N ASP A 468 5.32 21.96 11.63
CA ASP A 468 4.82 21.70 12.98
C ASP A 468 3.30 21.59 13.08
N PRO A 469 2.69 20.67 12.32
CA PRO A 469 1.23 20.55 12.38
C PRO A 469 0.66 20.23 13.75
N ILE A 470 -0.59 20.62 13.95
CA ILE A 470 -1.32 20.31 15.18
C ILE A 470 -2.17 19.11 14.76
N VAL A 471 -2.12 18.04 15.54
CA VAL A 471 -2.87 16.83 15.22
C VAL A 471 -3.76 16.42 16.39
N ILE A 472 -5.07 16.33 16.16
CA ILE A 472 -6.00 15.89 17.21
C ILE A 472 -6.33 14.44 16.86
N LEU A 473 -5.91 13.51 17.71
CA LEU A 473 -6.15 12.09 17.47
C LEU A 473 -7.33 11.61 18.31
N PHE A 474 -8.40 11.20 17.63
CA PHE A 474 -9.62 10.74 18.28
C PHE A 474 -9.39 9.30 18.70
N ASN A 475 -9.04 9.08 19.96
CA ASN A 475 -8.78 7.71 20.41
C ASN A 475 -9.92 7.06 21.19
N ASN A 476 -10.77 6.33 20.46
CA ASN A 476 -11.87 5.62 21.11
C ASN A 476 -11.55 4.13 21.20
N ALA A 477 -10.29 3.75 20.96
CA ALA A 477 -9.86 2.33 20.99
C ALA A 477 -10.88 1.52 20.20
N SER A 478 -11.12 1.96 18.98
CA SER A 478 -12.16 1.33 18.19
C SER A 478 -12.19 1.74 16.73
N TRP A 479 -12.67 0.85 15.88
CA TRP A 479 -12.90 1.18 14.48
C TRP A 479 -14.39 1.53 14.63
N GLU A 480 -14.64 2.71 15.21
CA GLU A 480 -16.01 3.11 15.54
C GLU A 480 -17.01 3.23 14.40
N MET A 481 -16.59 3.71 13.23
CA MET A 481 -17.55 3.78 12.15
C MET A 481 -18.04 2.39 11.79
N LEU A 482 -17.20 1.37 11.95
CA LEU A 482 -17.60 0.00 11.65
C LEU A 482 -18.53 -0.50 12.74
N ARG A 483 -18.29 -0.10 13.98
CA ARG A 483 -19.16 -0.52 15.08
C ARG A 483 -20.58 -0.01 14.82
N THR A 484 -20.69 1.22 14.32
CA THR A 484 -22.03 1.77 14.07
C THR A 484 -22.79 0.97 13.03
N PHE A 485 -22.06 0.37 12.09
CA PHE A 485 -22.68 -0.43 11.02
C PHE A 485 -23.00 -1.85 11.50
N GLN A 486 -22.18 -2.39 12.39
CA GLN A 486 -22.34 -3.78 12.84
C GLN A 486 -21.86 -3.88 14.27
N PRO A 487 -22.61 -3.29 15.20
CA PRO A 487 -22.27 -3.27 16.63
C PRO A 487 -22.05 -4.60 17.31
N GLU A 488 -22.64 -5.67 16.80
CA GLU A 488 -22.49 -6.98 17.40
C GLU A 488 -21.07 -7.57 17.34
N SER A 489 -20.26 -7.12 16.38
CA SER A 489 -18.93 -7.69 16.22
C SER A 489 -17.86 -7.28 17.23
N ALA A 490 -17.07 -8.25 17.66
CA ALA A 490 -16.01 -7.97 18.63
C ALA A 490 -14.74 -7.41 18.02
N PHE A 491 -14.46 -7.74 16.76
CA PHE A 491 -13.22 -7.27 16.13
C PHE A 491 -13.03 -5.75 16.00
N ASN A 492 -14.09 -4.97 16.21
CA ASN A 492 -13.96 -3.51 16.11
C ASN A 492 -13.40 -2.90 17.39
N ASP A 493 -13.25 -3.72 18.42
CA ASP A 493 -12.67 -3.30 19.70
C ASP A 493 -11.16 -3.32 19.55
N LEU A 494 -10.51 -2.14 19.54
CA LEU A 494 -9.06 -2.09 19.42
C LEU A 494 -8.43 -1.98 20.81
N ASP A 495 -7.13 -2.20 20.86
CA ASP A 495 -6.38 -2.16 22.11
C ASP A 495 -6.03 -0.72 22.47
N ASP A 496 -5.42 -0.56 23.64
CA ASP A 496 -4.99 0.75 24.10
C ASP A 496 -3.59 1.00 23.56
N TRP A 497 -3.44 2.05 22.76
CA TRP A 497 -2.13 2.45 22.24
C TRP A 497 -1.91 3.84 22.86
N ARG A 498 -0.77 4.05 23.51
CA ARG A 498 -0.48 5.34 24.14
C ARG A 498 0.23 6.23 23.12
N PHE A 499 -0.53 6.77 22.18
CA PHE A 499 0.04 7.60 21.12
C PHE A 499 0.76 8.85 21.63
N ALA A 500 0.16 9.56 22.60
CA ALA A 500 0.84 10.75 23.12
C ALA A 500 2.21 10.38 23.66
N ASP A 501 2.31 9.22 24.32
CA ASP A 501 3.57 8.77 24.86
C ASP A 501 4.63 8.45 23.80
N MET A 502 4.19 8.19 22.57
CA MET A 502 5.12 7.87 21.50
C MET A 502 5.54 9.11 20.70
N ALA A 503 4.92 10.26 20.97
CA ALA A 503 5.24 11.47 20.23
C ALA A 503 6.69 11.95 20.36
N ALA A 504 7.24 11.89 21.58
CA ALA A 504 8.60 12.36 21.79
C ALA A 504 9.61 11.61 20.94
N GLY A 505 9.40 10.31 20.76
CA GLY A 505 10.31 9.52 19.95
C GLY A 505 10.35 9.97 18.51
N MET A 506 9.27 10.63 18.07
CA MET A 506 9.17 11.14 16.71
C MET A 506 9.48 12.63 16.62
N GLY A 507 9.97 13.21 17.71
CA GLY A 507 10.33 14.62 17.71
C GLY A 507 9.22 15.63 17.90
N GLY A 508 8.11 15.21 18.51
CA GLY A 508 7.01 16.13 18.72
C GLY A 508 6.54 16.10 20.16
N ASP A 509 5.54 16.92 20.47
CA ASP A 509 4.99 17.00 21.83
C ASP A 509 3.62 16.36 21.88
N GLY A 510 3.45 15.36 22.72
CA GLY A 510 2.16 14.72 22.79
C GLY A 510 1.57 14.78 24.18
N VAL A 511 0.23 14.82 24.24
CA VAL A 511 -0.45 14.83 25.52
C VAL A 511 -1.76 14.06 25.37
N ARG A 512 -2.03 13.19 26.34
CA ARG A 512 -3.26 12.40 26.36
C ARG A 512 -4.25 13.15 27.25
N VAL A 513 -5.44 13.44 26.74
CA VAL A 513 -6.44 14.17 27.53
C VAL A 513 -7.71 13.34 27.66
N ARG A 514 -8.32 13.38 28.84
CA ARG A 514 -9.53 12.61 29.10
C ARG A 514 -10.77 13.44 29.42
N THR A 515 -10.58 14.63 29.97
CA THR A 515 -11.72 15.48 30.31
C THR A 515 -11.80 16.70 29.40
N ARG A 516 -12.98 17.31 29.37
CA ARG A 516 -13.18 18.48 28.54
C ARG A 516 -12.26 19.62 28.98
N ALA A 517 -12.01 19.74 30.28
CA ALA A 517 -11.10 20.78 30.75
C ALA A 517 -9.68 20.54 30.21
N GLU A 518 -9.22 19.29 30.26
CA GLU A 518 -7.89 18.94 29.75
C GLU A 518 -7.79 19.20 28.25
N LEU A 519 -8.86 18.91 27.53
CA LEU A 519 -8.91 19.14 26.08
C LEU A 519 -8.71 20.64 25.78
N LYS A 520 -9.47 21.48 26.49
CA LYS A 520 -9.41 22.93 26.30
C LYS A 520 -7.98 23.44 26.52
N ALA A 521 -7.36 23.00 27.61
CA ALA A 521 -6.01 23.43 27.95
C ALA A 521 -5.00 22.93 26.91
N ALA A 522 -5.13 21.67 26.52
CA ALA A 522 -4.22 21.09 25.54
C ALA A 522 -4.31 21.78 24.19
N LEU A 523 -5.50 22.15 23.75
CA LEU A 523 -5.63 22.81 22.45
C LEU A 523 -4.96 24.19 22.51
N ASP A 524 -5.15 24.90 23.61
CA ASP A 524 -4.53 26.22 23.77
C ASP A 524 -2.99 26.08 23.76
N LYS A 525 -2.48 25.08 24.48
CA LYS A 525 -1.03 24.86 24.55
C LYS A 525 -0.47 24.53 23.16
N ALA A 526 -1.15 23.64 22.44
CA ALA A 526 -0.72 23.23 21.10
C ALA A 526 -0.59 24.47 20.20
N PHE A 527 -1.63 25.29 20.18
CA PHE A 527 -1.61 26.50 19.36
C PHE A 527 -0.54 27.51 19.78
N ALA A 528 -0.23 27.57 21.08
CA ALA A 528 0.79 28.50 21.56
C ALA A 528 2.22 27.96 21.35
N THR A 529 2.32 26.71 20.91
CA THR A 529 3.62 26.07 20.74
C THR A 529 3.95 25.64 19.31
N ARG A 530 4.69 26.46 18.58
CA ARG A 530 5.10 26.09 17.23
C ARG A 530 6.54 25.57 17.32
N GLY A 531 7.06 25.03 16.22
CA GLY A 531 8.42 24.53 16.23
C GLY A 531 8.54 23.01 16.28
N ARG A 532 7.52 22.35 16.83
CA ARG A 532 7.46 20.90 16.93
C ARG A 532 5.99 20.54 16.69
N PHE A 533 5.72 19.38 16.09
CA PHE A 533 4.32 19.01 15.87
C PHE A 533 3.70 18.80 17.25
N GLN A 534 2.39 19.06 17.34
CA GLN A 534 1.67 18.93 18.61
C GLN A 534 0.58 17.88 18.45
N LEU A 535 0.70 16.80 19.22
CA LEU A 535 -0.24 15.70 19.17
C LEU A 535 -1.15 15.69 20.41
N ILE A 536 -2.44 15.88 20.18
CA ILE A 536 -3.42 15.87 21.27
C ILE A 536 -4.19 14.57 21.10
N GLU A 537 -3.96 13.63 22.01
CA GLU A 537 -4.62 12.34 21.98
C GLU A 537 -5.86 12.46 22.87
N ALA A 538 -7.01 12.63 22.23
CA ALA A 538 -8.28 12.80 22.94
C ALA A 538 -8.94 11.44 23.14
N MET A 539 -9.05 11.03 24.40
CA MET A 539 -9.69 9.76 24.70
C MET A 539 -11.20 10.00 24.62
N ILE A 540 -11.89 9.14 23.87
CA ILE A 540 -13.33 9.25 23.64
C ILE A 540 -13.94 7.88 23.90
N PRO A 541 -15.04 7.82 24.65
CA PRO A 541 -15.64 6.50 24.91
C PRO A 541 -16.25 5.89 23.64
N ARG A 542 -16.32 4.57 23.58
CA ARG A 542 -16.97 3.94 22.44
C ARG A 542 -18.47 4.29 22.52
N GLY A 543 -19.14 4.30 21.37
CA GLY A 543 -20.55 4.61 21.34
C GLY A 543 -20.90 6.10 21.32
N VAL A 544 -19.87 6.95 21.37
CA VAL A 544 -20.08 8.40 21.35
C VAL A 544 -19.66 8.92 19.97
N LEU A 545 -20.62 9.46 19.22
CA LEU A 545 -20.39 9.95 17.86
C LEU A 545 -20.67 11.43 17.66
N SER A 546 -20.14 11.99 16.58
CA SER A 546 -20.39 13.38 16.23
C SER A 546 -21.85 13.44 15.78
N ASP A 547 -22.45 14.62 15.78
CA ASP A 547 -23.85 14.73 15.35
C ASP A 547 -24.03 14.33 13.89
N THR A 548 -23.04 14.66 13.05
CA THR A 548 -23.14 14.31 11.63
C THR A 548 -23.08 12.80 11.40
N LEU A 549 -22.19 12.10 12.10
CA LEU A 549 -22.12 10.64 11.94
C LEU A 549 -23.40 10.02 12.50
N ALA A 550 -23.89 10.54 13.62
CA ALA A 550 -25.14 10.02 14.20
C ALA A 550 -26.28 10.13 13.16
N ARG A 551 -26.37 11.28 12.49
CA ARG A 551 -27.40 11.47 11.46
C ARG A 551 -27.16 10.50 10.30
N PHE A 552 -25.90 10.27 9.97
CA PHE A 552 -25.52 9.35 8.91
C PHE A 552 -26.00 7.94 9.26
N VAL A 553 -25.79 7.53 10.51
CA VAL A 553 -26.21 6.21 10.95
C VAL A 553 -27.73 6.06 10.98
N GLN A 554 -28.42 7.06 11.53
CA GLN A 554 -29.87 7.04 11.61
C GLN A 554 -30.45 7.00 10.20
N GLY A 555 -29.78 7.66 9.27
CA GLY A 555 -30.23 7.67 7.89
C GLY A 555 -30.10 6.33 7.18
N GLN A 556 -29.26 5.45 7.72
CA GLN A 556 -29.06 4.12 7.12
C GLN A 556 -30.12 3.14 7.64
N LYS A 557 -30.82 3.53 8.70
CA LYS A 557 -31.85 2.68 9.30
C LYS A 557 -33.13 2.68 8.46
N PRO B 16 -29.75 -37.70 -1.27
CA PRO B 16 -28.34 -37.74 -0.83
C PRO B 16 -27.79 -36.34 -0.51
N ARG B 17 -27.12 -36.22 0.63
CA ARG B 17 -26.53 -34.95 1.08
C ARG B 17 -27.57 -33.84 1.25
N GLY B 18 -27.87 -33.12 0.18
CA GLY B 18 -28.86 -32.07 0.24
C GLY B 18 -28.68 -30.95 1.26
N SER B 19 -27.53 -30.90 1.90
CA SER B 19 -27.26 -29.85 2.89
C SER B 19 -26.69 -28.60 2.20
N HIS B 20 -26.78 -27.47 2.90
CA HIS B 20 -26.25 -26.22 2.38
C HIS B 20 -25.88 -25.31 3.53
N MET B 21 -25.03 -24.32 3.25
CA MET B 21 -24.59 -23.38 4.28
C MET B 21 -24.36 -22.02 3.64
N LYS B 22 -24.07 -21.02 4.46
CA LYS B 22 -23.81 -19.68 3.94
C LYS B 22 -22.56 -19.73 3.06
N LEU B 23 -22.57 -18.99 1.96
CA LEU B 23 -21.43 -18.97 1.05
C LEU B 23 -20.12 -18.69 1.80
N ALA B 24 -20.13 -17.68 2.67
CA ALA B 24 -18.93 -17.32 3.43
C ALA B 24 -18.41 -18.50 4.26
N GLU B 25 -19.33 -19.25 4.87
CA GLU B 25 -18.92 -20.38 5.68
C GLU B 25 -18.32 -21.49 4.83
N ALA B 26 -18.94 -21.72 3.67
CA ALA B 26 -18.47 -22.75 2.74
C ALA B 26 -17.05 -22.41 2.32
N LEU B 27 -16.79 -21.13 2.11
CA LEU B 27 -15.44 -20.70 1.71
C LEU B 27 -14.44 -20.92 2.83
N LEU B 28 -14.79 -20.50 4.04
CA LEU B 28 -13.89 -20.69 5.19
C LEU B 28 -13.58 -22.16 5.42
N ARG B 29 -14.59 -23.03 5.33
CA ARG B 29 -14.35 -24.45 5.54
C ARG B 29 -13.47 -25.00 4.41
N ALA B 30 -13.68 -24.52 3.19
CA ALA B 30 -12.86 -25.00 2.07
C ALA B 30 -11.40 -24.65 2.32
N LEU B 31 -11.16 -23.45 2.87
CA LEU B 31 -9.79 -23.01 3.16
C LEU B 31 -9.20 -23.88 4.26
N LYS B 32 -9.97 -24.12 5.31
CA LYS B 32 -9.49 -24.96 6.40
C LYS B 32 -9.25 -26.38 5.88
N ASP B 33 -10.10 -26.85 4.97
CA ASP B 33 -9.93 -28.20 4.41
C ASP B 33 -8.58 -28.33 3.70
N ARG B 34 -8.08 -27.19 3.22
CA ARG B 34 -6.82 -27.17 2.49
C ARG B 34 -5.60 -26.78 3.33
N GLY B 35 -5.77 -26.75 4.65
CA GLY B 35 -4.66 -26.43 5.52
C GLY B 35 -4.52 -25.02 6.06
N ALA B 36 -5.35 -24.07 5.61
CA ALA B 36 -5.25 -22.70 6.11
C ALA B 36 -5.35 -22.75 7.64
N GLN B 37 -4.55 -21.94 8.31
CA GLN B 37 -4.53 -21.96 9.77
C GLN B 37 -5.10 -20.72 10.44
N ALA B 38 -5.31 -19.67 9.66
CA ALA B 38 -5.86 -18.44 10.21
C ALA B 38 -6.25 -17.51 9.10
N MET B 39 -6.95 -16.46 9.47
CA MET B 39 -7.40 -15.45 8.54
C MET B 39 -6.96 -14.08 9.09
N PHE B 40 -6.11 -13.39 8.33
CA PHE B 40 -5.66 -12.05 8.73
C PHE B 40 -6.50 -11.06 7.97
N GLY B 41 -6.83 -9.93 8.57
CA GLY B 41 -7.60 -8.97 7.81
C GLY B 41 -7.97 -7.68 8.49
N ILE B 42 -8.48 -6.75 7.70
CA ILE B 42 -8.98 -5.48 8.21
C ILE B 42 -10.33 -5.32 7.51
N PRO B 43 -11.41 -5.16 8.30
CA PRO B 43 -12.75 -5.01 7.72
C PRO B 43 -13.04 -3.62 7.19
N GLY B 44 -14.23 -3.49 6.61
CA GLY B 44 -14.71 -2.24 6.07
C GLY B 44 -16.20 -2.43 5.86
N ASP B 45 -16.94 -1.38 5.55
CA ASP B 45 -18.39 -1.57 5.39
C ASP B 45 -18.77 -2.71 4.46
N PHE B 46 -18.17 -2.78 3.26
CA PHE B 46 -18.52 -3.84 2.33
C PHE B 46 -18.10 -5.23 2.80
N ALA B 47 -17.09 -5.33 3.65
CA ALA B 47 -16.65 -6.62 4.14
C ALA B 47 -17.19 -6.99 5.52
N LEU B 48 -17.95 -6.10 6.14
CA LEU B 48 -18.43 -6.41 7.49
C LEU B 48 -19.20 -7.72 7.60
N PRO B 49 -20.17 -7.97 6.69
CA PRO B 49 -20.92 -9.24 6.76
C PRO B 49 -20.03 -10.48 6.69
N PHE B 50 -18.99 -10.45 5.85
CA PHE B 50 -18.09 -11.60 5.75
C PHE B 50 -17.30 -11.78 7.04
N PHE B 51 -16.82 -10.68 7.62
CA PHE B 51 -16.07 -10.78 8.86
C PHE B 51 -16.98 -11.27 9.99
N LYS B 52 -18.27 -10.94 9.92
CA LYS B 52 -19.20 -11.42 10.95
C LYS B 52 -19.23 -12.95 10.91
N VAL B 53 -19.37 -13.51 9.72
CA VAL B 53 -19.41 -14.96 9.60
C VAL B 53 -18.09 -15.58 10.11
N ALA B 54 -16.95 -14.99 9.73
CA ALA B 54 -15.66 -15.51 10.17
C ALA B 54 -15.58 -15.50 11.69
N GLU B 55 -15.95 -14.37 12.29
CA GLU B 55 -15.90 -14.27 13.75
C GLU B 55 -16.87 -15.22 14.45
N GLU B 56 -18.12 -15.27 13.98
CA GLU B 56 -19.12 -16.11 14.62
C GLU B 56 -18.88 -17.61 14.47
N THR B 57 -18.53 -18.05 13.27
CA THR B 57 -18.29 -19.48 13.04
C THR B 57 -17.00 -19.99 13.66
N GLN B 58 -16.00 -19.12 13.78
CA GLN B 58 -14.73 -19.51 14.37
C GLN B 58 -14.07 -20.65 13.60
N ILE B 59 -14.39 -20.79 12.31
CA ILE B 59 -13.79 -21.86 11.50
C ILE B 59 -12.28 -21.66 11.45
N LEU B 60 -11.86 -20.41 11.25
CA LEU B 60 -10.44 -20.04 11.21
C LEU B 60 -10.21 -18.90 12.19
N PRO B 61 -9.10 -18.96 12.96
CA PRO B 61 -8.79 -17.90 13.92
C PRO B 61 -8.75 -16.59 13.13
N LEU B 62 -9.37 -15.54 13.64
CA LEU B 62 -9.39 -14.26 12.94
C LEU B 62 -8.46 -13.26 13.62
N HIS B 63 -7.39 -12.88 12.92
CA HIS B 63 -6.41 -11.94 13.47
C HIS B 63 -6.45 -10.63 12.69
N THR B 64 -6.67 -9.52 13.37
CA THR B 64 -6.69 -8.23 12.68
C THR B 64 -5.35 -7.54 12.87
N LEU B 65 -5.01 -6.67 11.94
CA LEU B 65 -3.76 -5.92 12.01
C LEU B 65 -4.13 -4.45 11.84
N SER B 66 -3.15 -3.56 11.85
CA SER B 66 -3.42 -2.12 11.76
C SER B 66 -3.58 -1.57 10.34
N HIS B 67 -2.72 -2.03 9.44
CA HIS B 67 -2.67 -1.55 8.07
C HIS B 67 -2.63 -2.72 7.09
N GLU B 68 -3.29 -2.58 5.95
CA GLU B 68 -3.35 -3.68 4.97
C GLU B 68 -2.04 -4.28 4.52
N PRO B 69 -0.96 -3.47 4.39
CA PRO B 69 0.27 -4.14 3.95
C PRO B 69 0.60 -5.30 4.90
N ALA B 70 0.46 -5.07 6.19
CA ALA B 70 0.75 -6.12 7.18
C ALA B 70 -0.19 -7.30 7.05
N VAL B 71 -1.44 -7.05 6.67
CA VAL B 71 -2.40 -8.15 6.49
C VAL B 71 -1.86 -9.06 5.38
N GLY B 72 -1.41 -8.46 4.29
CA GLY B 72 -0.86 -9.23 3.19
C GLY B 72 0.44 -9.93 3.54
N PHE B 73 1.35 -9.21 4.20
CA PHE B 73 2.63 -9.79 4.60
C PHE B 73 2.42 -10.90 5.63
N ALA B 74 1.51 -10.69 6.59
CA ALA B 74 1.27 -11.72 7.62
C ALA B 74 0.68 -13.01 7.01
N ALA B 75 -0.25 -12.86 6.07
CA ALA B 75 -0.86 -14.02 5.41
C ALA B 75 0.18 -14.76 4.57
N ASP B 76 1.06 -14.00 3.93
CA ASP B 76 2.14 -14.56 3.12
C ASP B 76 3.06 -15.36 4.08
N ALA B 77 3.48 -14.74 5.17
CA ALA B 77 4.34 -15.42 6.14
C ALA B 77 3.70 -16.69 6.69
N ALA B 78 2.40 -16.66 6.98
CA ALA B 78 1.74 -17.86 7.51
C ALA B 78 1.71 -18.97 6.45
N ALA B 79 1.54 -18.57 5.19
CA ALA B 79 1.52 -19.55 4.12
C ALA B 79 2.90 -20.20 4.02
N ARG B 80 3.93 -19.37 4.08
CA ARG B 80 5.30 -19.86 3.98
C ARG B 80 5.69 -20.71 5.17
N TYR B 81 5.25 -20.29 6.35
CA TYR B 81 5.59 -21.00 7.58
C TYR B 81 5.17 -22.47 7.54
N SER B 82 3.95 -22.72 7.09
CA SER B 82 3.42 -24.08 7.05
C SER B 82 3.25 -24.68 5.66
N SER B 83 3.79 -24.01 4.65
CA SER B 83 3.65 -24.47 3.27
C SER B 83 2.19 -24.81 3.00
N THR B 84 1.32 -23.84 3.23
CA THR B 84 -0.09 -24.04 3.02
C THR B 84 -0.69 -22.74 2.45
N LEU B 85 -2.02 -22.65 2.42
CA LEU B 85 -2.63 -21.43 1.93
C LEU B 85 -2.64 -20.35 3.00
N GLY B 86 -2.43 -19.10 2.59
CA GLY B 86 -2.48 -17.98 3.51
C GLY B 86 -3.81 -17.30 3.19
N VAL B 87 -4.41 -16.59 4.15
CA VAL B 87 -5.69 -15.93 3.90
C VAL B 87 -5.64 -14.49 4.34
N ALA B 88 -5.90 -13.59 3.38
CA ALA B 88 -5.87 -12.14 3.62
C ALA B 88 -7.23 -11.53 3.22
N ALA B 89 -7.95 -11.04 4.22
CA ALA B 89 -9.29 -10.47 4.01
C ALA B 89 -9.28 -8.96 4.10
N VAL B 90 -9.81 -8.30 3.08
CA VAL B 90 -9.86 -6.86 3.05
C VAL B 90 -11.21 -6.34 2.58
N THR B 91 -11.38 -5.03 2.63
CA THR B 91 -12.62 -4.44 2.17
C THR B 91 -12.42 -3.83 0.78
N TYR B 92 -13.52 -3.60 0.09
CA TYR B 92 -13.51 -3.05 -1.27
C TYR B 92 -12.90 -1.66 -1.34
N GLY B 93 -12.20 -1.36 -2.44
CA GLY B 93 -11.62 -0.03 -2.59
C GLY B 93 -10.26 0.13 -1.94
N ALA B 94 -10.10 1.18 -1.15
CA ALA B 94 -8.84 1.48 -0.48
C ALA B 94 -8.23 0.27 0.25
N GLY B 95 -9.03 -0.49 0.97
CA GLY B 95 -8.49 -1.65 1.66
C GLY B 95 -7.76 -2.61 0.72
N ALA B 96 -8.42 -3.01 -0.36
CA ALA B 96 -7.79 -3.93 -1.30
C ALA B 96 -6.63 -3.31 -2.04
N PHE B 97 -6.79 -2.07 -2.51
CA PHE B 97 -5.68 -1.44 -3.24
C PHE B 97 -4.44 -1.28 -2.36
N ASN B 98 -4.66 -1.11 -1.06
CA ASN B 98 -3.57 -0.94 -0.11
C ASN B 98 -2.79 -2.26 0.16
N MET B 99 -3.25 -3.36 -0.41
CA MET B 99 -2.58 -4.65 -0.22
C MET B 99 -1.94 -5.18 -1.51
N VAL B 100 -2.02 -4.38 -2.57
CA VAL B 100 -1.47 -4.75 -3.88
C VAL B 100 0.04 -5.12 -3.82
N ASN B 101 0.84 -4.30 -3.15
CA ASN B 101 2.27 -4.57 -3.05
C ASN B 101 2.57 -5.89 -2.30
N ALA B 102 1.91 -6.11 -1.17
CA ALA B 102 2.13 -7.35 -0.42
C ALA B 102 1.73 -8.57 -1.25
N VAL B 103 0.64 -8.45 -1.99
CA VAL B 103 0.19 -9.56 -2.82
C VAL B 103 1.18 -9.73 -3.99
N ALA B 104 1.68 -8.64 -4.56
CA ALA B 104 2.67 -8.78 -5.64
C ALA B 104 3.92 -9.50 -5.11
N GLY B 105 4.31 -9.21 -3.88
CA GLY B 105 5.47 -9.84 -3.27
C GLY B 105 5.25 -11.34 -3.10
N ALA B 106 4.03 -11.71 -2.69
CA ALA B 106 3.70 -13.12 -2.52
C ALA B 106 3.71 -13.79 -3.89
N TYR B 107 3.21 -13.12 -4.91
CA TYR B 107 3.23 -13.71 -6.26
C TYR B 107 4.69 -13.92 -6.68
N ALA B 108 5.50 -12.88 -6.52
CA ALA B 108 6.92 -12.92 -6.89
C ALA B 108 7.69 -14.06 -6.25
N GLU B 109 7.37 -14.37 -5.00
CA GLU B 109 8.10 -15.43 -4.30
C GLU B 109 7.30 -16.71 -4.08
N LYS B 110 6.36 -16.95 -5.00
CA LYS B 110 5.57 -18.17 -5.00
C LYS B 110 4.88 -18.55 -3.70
N SER B 111 4.15 -17.61 -3.11
CA SER B 111 3.41 -17.91 -1.88
C SER B 111 1.91 -17.75 -2.16
N PRO B 112 1.14 -18.82 -1.96
CA PRO B 112 -0.30 -18.82 -2.20
C PRO B 112 -1.18 -18.09 -1.19
N VAL B 113 -1.22 -16.76 -1.30
CA VAL B 113 -2.05 -15.95 -0.43
C VAL B 113 -3.43 -15.83 -1.08
N VAL B 114 -4.47 -16.24 -0.37
CA VAL B 114 -5.84 -16.14 -0.88
C VAL B 114 -6.39 -14.79 -0.47
N VAL B 115 -6.57 -13.91 -1.45
CA VAL B 115 -7.11 -12.58 -1.19
C VAL B 115 -8.64 -12.60 -1.25
N ILE B 116 -9.29 -12.25 -0.16
CA ILE B 116 -10.75 -12.21 -0.13
C ILE B 116 -11.18 -10.78 0.09
N SER B 117 -11.81 -10.18 -0.91
CA SER B 117 -12.27 -8.81 -0.75
C SER B 117 -13.78 -8.70 -0.72
N GLY B 118 -14.30 -7.87 0.17
CA GLY B 118 -15.73 -7.65 0.20
C GLY B 118 -16.01 -6.76 -1.00
N ALA B 119 -17.27 -6.65 -1.39
CA ALA B 119 -17.61 -5.82 -2.55
C ALA B 119 -19.06 -5.40 -2.46
N PRO B 120 -19.46 -4.42 -3.27
CA PRO B 120 -20.87 -3.98 -3.23
C PRO B 120 -21.79 -5.15 -3.59
N GLY B 121 -23.01 -5.13 -3.06
CA GLY B 121 -23.94 -6.21 -3.37
C GLY B 121 -24.27 -6.26 -4.85
N THR B 122 -24.76 -7.39 -5.31
CA THR B 122 -25.08 -7.55 -6.72
C THR B 122 -26.19 -6.60 -7.19
N THR B 123 -26.96 -6.07 -6.25
CA THR B 123 -28.05 -5.16 -6.59
C THR B 123 -27.64 -3.70 -6.44
N GLU B 124 -26.54 -3.46 -5.73
CA GLU B 124 -26.07 -2.11 -5.50
C GLU B 124 -25.45 -1.47 -6.73
N GLY B 125 -25.71 -2.06 -7.90
CA GLY B 125 -25.18 -1.52 -9.14
C GLY B 125 -23.67 -1.29 -9.13
N ASN B 126 -23.27 -0.02 -9.27
CA ASN B 126 -21.84 0.30 -9.29
C ASN B 126 -21.44 1.53 -8.47
N ALA B 127 -20.14 1.81 -8.47
CA ALA B 127 -19.54 2.95 -7.78
C ALA B 127 -18.39 3.39 -8.68
N GLY B 128 -18.72 4.19 -9.69
CA GLY B 128 -17.71 4.62 -10.64
C GLY B 128 -16.71 5.70 -10.28
N LEU B 129 -16.11 5.63 -9.09
CA LEU B 129 -15.10 6.64 -8.74
C LEU B 129 -13.86 6.44 -9.62
N LEU B 130 -13.54 5.19 -9.92
CA LEU B 130 -12.37 4.87 -10.74
C LEU B 130 -12.69 4.41 -12.18
N LEU B 131 -13.96 4.37 -12.54
CA LEU B 131 -14.32 3.96 -13.89
C LEU B 131 -13.92 5.01 -14.92
N ASP B 139 -14.53 -4.26 -13.01
CA ASP B 139 -14.21 -3.03 -12.30
C ASP B 139 -12.69 -2.89 -12.17
N THR B 140 -12.22 -1.68 -11.85
CA THR B 140 -10.78 -1.43 -11.72
C THR B 140 -10.08 -2.36 -10.73
N GLN B 141 -10.67 -2.53 -9.56
CA GLN B 141 -10.04 -3.40 -8.56
C GLN B 141 -9.81 -4.82 -9.08
N PHE B 142 -10.84 -5.40 -9.68
CA PHE B 142 -10.73 -6.76 -10.22
C PHE B 142 -9.61 -6.82 -11.26
N GLN B 143 -9.58 -5.83 -12.16
CA GLN B 143 -8.55 -5.78 -13.21
C GLN B 143 -7.14 -5.70 -12.64
N VAL B 144 -6.97 -4.86 -11.61
CA VAL B 144 -5.67 -4.73 -10.98
C VAL B 144 -5.24 -6.05 -10.35
N PHE B 145 -6.13 -6.70 -9.61
CA PHE B 145 -5.76 -7.96 -9.00
C PHE B 145 -5.49 -9.08 -10.01
N LYS B 146 -6.07 -9.00 -11.20
CA LYS B 146 -5.81 -10.02 -12.23
C LYS B 146 -4.33 -10.01 -12.61
N GLU B 147 -3.69 -8.85 -12.46
CA GLU B 147 -2.28 -8.71 -12.82
C GLU B 147 -1.34 -9.34 -11.79
N ILE B 148 -1.83 -9.57 -10.58
CA ILE B 148 -0.97 -10.11 -9.54
C ILE B 148 -1.43 -11.40 -8.88
N THR B 149 -2.31 -12.13 -9.55
CA THR B 149 -2.81 -13.42 -9.04
C THR B 149 -2.92 -14.39 -10.21
N VAL B 150 -2.98 -15.69 -9.92
CA VAL B 150 -3.05 -16.68 -10.99
C VAL B 150 -4.49 -17.09 -11.34
N ALA B 151 -5.44 -16.75 -10.47
CA ALA B 151 -6.84 -17.07 -10.73
C ALA B 151 -7.71 -16.12 -9.94
N GLN B 152 -8.89 -15.82 -10.46
CA GLN B 152 -9.83 -14.92 -9.79
C GLN B 152 -11.27 -15.38 -9.98
N ALA B 153 -12.14 -14.92 -9.08
CA ALA B 153 -13.56 -15.22 -9.20
C ALA B 153 -14.35 -14.23 -8.38
N ARG B 154 -15.45 -13.74 -8.96
CA ARG B 154 -16.37 -12.85 -8.26
C ARG B 154 -17.50 -13.82 -7.94
N LEU B 155 -17.71 -14.10 -6.66
CA LEU B 155 -18.75 -15.07 -6.26
C LEU B 155 -20.12 -14.42 -6.20
N ASP B 156 -20.70 -14.18 -7.38
CA ASP B 156 -22.00 -13.53 -7.50
C ASP B 156 -23.13 -14.45 -7.91
N ASP B 157 -22.89 -15.76 -7.89
CA ASP B 157 -23.87 -16.76 -8.29
C ASP B 157 -23.76 -17.92 -7.32
N PRO B 158 -24.70 -18.02 -6.36
CA PRO B 158 -24.65 -19.11 -5.39
C PRO B 158 -24.60 -20.52 -5.97
N ALA B 159 -25.26 -20.72 -7.12
CA ALA B 159 -25.27 -22.03 -7.76
C ALA B 159 -23.88 -22.46 -8.24
N LYS B 160 -23.09 -21.50 -8.69
CA LYS B 160 -21.77 -21.81 -9.21
C LYS B 160 -20.63 -21.47 -8.24
N ALA B 161 -20.96 -20.87 -7.11
CA ALA B 161 -19.92 -20.48 -6.16
C ALA B 161 -19.03 -21.64 -5.69
N PRO B 162 -19.62 -22.78 -5.28
CA PRO B 162 -18.79 -23.90 -4.82
C PRO B 162 -17.74 -24.36 -5.84
N ALA B 163 -18.12 -24.47 -7.10
CA ALA B 163 -17.18 -24.91 -8.12
C ALA B 163 -16.13 -23.82 -8.37
N GLU B 164 -16.54 -22.55 -8.31
CA GLU B 164 -15.58 -21.47 -8.54
C GLU B 164 -14.58 -21.40 -7.38
N ILE B 165 -15.05 -21.61 -6.16
CA ILE B 165 -14.12 -21.62 -5.03
C ILE B 165 -13.10 -22.75 -5.21
N ALA B 166 -13.58 -23.94 -5.55
CA ALA B 166 -12.67 -25.08 -5.74
C ALA B 166 -11.66 -24.81 -6.88
N ARG B 167 -12.12 -24.19 -7.95
CA ARG B 167 -11.24 -23.87 -9.08
C ARG B 167 -10.15 -22.88 -8.66
N VAL B 168 -10.56 -21.79 -8.02
CA VAL B 168 -9.60 -20.76 -7.62
C VAL B 168 -8.64 -21.23 -6.53
N LEU B 169 -9.15 -21.90 -5.48
CA LEU B 169 -8.26 -22.40 -4.45
C LEU B 169 -7.37 -23.49 -5.05
N GLY B 170 -7.92 -24.26 -5.99
CA GLY B 170 -7.14 -25.31 -6.64
C GLY B 170 -5.96 -24.72 -7.40
N ALA B 171 -6.17 -23.56 -8.03
CA ALA B 171 -5.10 -22.92 -8.79
C ALA B 171 -4.02 -22.38 -7.86
N ALA B 172 -4.43 -21.87 -6.71
CA ALA B 172 -3.48 -21.36 -5.73
C ALA B 172 -2.56 -22.50 -5.33
N ARG B 173 -3.15 -23.67 -5.06
CA ARG B 173 -2.36 -24.83 -4.66
C ARG B 173 -1.52 -25.41 -5.78
N ALA B 174 -2.05 -25.41 -7.00
CA ALA B 174 -1.32 -25.96 -8.14
C ALA B 174 -0.12 -25.12 -8.60
N GLN B 175 -0.23 -23.80 -8.54
CA GLN B 175 0.86 -22.94 -8.99
C GLN B 175 1.58 -22.22 -7.86
N SER B 176 1.10 -22.40 -6.64
CA SER B 176 1.68 -21.77 -5.46
C SER B 176 1.85 -20.26 -5.65
N ARG B 177 0.76 -19.58 -6.00
CA ARG B 177 0.77 -18.14 -6.17
C ARG B 177 -0.58 -17.60 -5.67
N PRO B 178 -0.67 -16.30 -5.38
CA PRO B 178 -1.91 -15.70 -4.89
C PRO B 178 -3.11 -15.83 -5.83
N VAL B 179 -4.30 -15.81 -5.23
CA VAL B 179 -5.54 -15.87 -6.00
C VAL B 179 -6.45 -14.80 -5.40
N TYR B 180 -7.47 -14.42 -6.15
CA TYR B 180 -8.38 -13.36 -5.74
C TYR B 180 -9.84 -13.79 -5.78
N LEU B 181 -10.53 -13.57 -4.66
CA LEU B 181 -11.95 -13.87 -4.54
C LEU B 181 -12.66 -12.61 -4.08
N GLU B 182 -13.63 -12.17 -4.88
CA GLU B 182 -14.41 -10.98 -4.59
C GLU B 182 -15.81 -11.45 -4.20
N ILE B 183 -16.31 -11.00 -3.05
CA ILE B 183 -17.61 -11.43 -2.59
C ILE B 183 -18.60 -10.31 -2.33
N PRO B 184 -19.60 -10.14 -3.22
CA PRO B 184 -20.60 -9.09 -3.03
C PRO B 184 -21.22 -9.33 -1.66
N ARG B 185 -21.37 -8.27 -0.87
CA ARG B 185 -21.88 -8.45 0.49
C ARG B 185 -23.23 -9.12 0.64
N ASN B 186 -24.09 -9.04 -0.36
CA ASN B 186 -25.40 -9.69 -0.26
C ASN B 186 -25.28 -11.19 -0.58
N MET B 187 -24.09 -11.62 -0.97
CA MET B 187 -23.85 -13.03 -1.28
C MET B 187 -23.23 -13.77 -0.10
N VAL B 188 -22.73 -13.03 0.88
CA VAL B 188 -22.10 -13.63 2.05
C VAL B 188 -22.98 -14.70 2.73
N ASN B 189 -24.26 -14.39 2.85
CA ASN B 189 -25.19 -15.28 3.51
C ASN B 189 -26.05 -16.14 2.55
N ALA B 190 -25.75 -16.11 1.26
CA ALA B 190 -26.48 -16.92 0.28
C ALA B 190 -26.21 -18.40 0.57
N GLU B 191 -27.25 -19.22 0.49
CA GLU B 191 -27.08 -20.65 0.75
C GLU B 191 -26.42 -21.34 -0.44
N VAL B 192 -25.40 -22.15 -0.16
CA VAL B 192 -24.70 -22.87 -1.22
C VAL B 192 -24.37 -24.27 -0.76
N GLU B 193 -24.04 -25.12 -1.72
CA GLU B 193 -23.64 -26.47 -1.42
C GLU B 193 -22.20 -26.41 -0.95
N PRO B 194 -21.74 -27.43 -0.20
CA PRO B 194 -20.35 -27.45 0.29
C PRO B 194 -19.38 -27.45 -0.88
N VAL B 195 -18.16 -26.99 -0.64
CA VAL B 195 -17.12 -26.96 -1.67
C VAL B 195 -16.42 -28.30 -1.75
N GLY B 196 -16.30 -28.84 -2.96
CA GLY B 196 -15.66 -30.12 -3.17
C GLY B 196 -14.15 -30.01 -3.35
N ASP B 197 -13.53 -31.04 -3.92
CA ASP B 197 -12.09 -31.04 -4.12
C ASP B 197 -11.67 -30.19 -5.29
N ASP B 198 -10.38 -29.87 -5.34
CA ASP B 198 -9.81 -29.07 -6.43
C ASP B 198 -10.05 -29.83 -7.72
N PRO B 199 -10.37 -29.12 -8.81
CA PRO B 199 -10.57 -29.86 -10.06
C PRO B 199 -9.20 -30.44 -10.45
N ALA B 200 -9.18 -31.62 -11.06
CA ALA B 200 -7.93 -32.23 -11.44
C ALA B 200 -7.27 -31.57 -12.65
N TRP B 201 -5.94 -31.50 -12.62
CA TRP B 201 -5.15 -30.94 -13.72
C TRP B 201 -4.36 -32.13 -14.29
N PRO B 202 -5.07 -33.22 -14.67
CA PRO B 202 -4.46 -34.44 -15.24
C PRO B 202 -3.18 -34.28 -16.07
N VAL B 203 -2.34 -35.31 -16.02
CA VAL B 203 -1.08 -35.29 -16.74
C VAL B 203 -0.99 -36.39 -17.80
N ASP B 204 -0.40 -36.04 -18.95
CA ASP B 204 -0.25 -37.00 -20.04
C ASP B 204 0.89 -37.92 -19.63
N ARG B 205 0.58 -39.20 -19.41
CA ARG B 205 1.60 -40.16 -18.99
C ARG B 205 2.74 -40.27 -20.00
N ASP B 206 2.41 -40.26 -21.29
CA ASP B 206 3.41 -40.38 -22.34
C ASP B 206 4.35 -39.19 -22.37
N ALA B 207 3.81 -37.98 -22.20
CA ALA B 207 4.63 -36.78 -22.21
C ALA B 207 5.53 -36.79 -20.97
N LEU B 208 4.95 -37.20 -19.84
CA LEU B 208 5.71 -37.25 -18.60
C LEU B 208 6.87 -38.23 -18.73
N ALA B 209 6.61 -39.39 -19.33
CA ALA B 209 7.66 -40.40 -19.52
C ALA B 209 8.74 -39.80 -20.40
N ALA B 210 8.35 -39.20 -21.51
CA ALA B 210 9.32 -38.59 -22.42
C ALA B 210 10.16 -37.52 -21.71
N CYS B 211 9.50 -36.75 -20.84
CA CYS B 211 10.19 -35.68 -20.12
C CYS B 211 11.24 -36.26 -19.18
N ALA B 212 10.81 -37.20 -18.36
CA ALA B 212 11.72 -37.84 -17.40
C ALA B 212 12.88 -38.49 -18.13
N ASP B 213 12.60 -39.16 -19.25
CA ASP B 213 13.65 -39.80 -20.02
C ASP B 213 14.70 -38.79 -20.49
N GLU B 214 14.25 -37.67 -21.05
CA GLU B 214 15.20 -36.67 -21.54
C GLU B 214 16.00 -36.01 -20.42
N VAL B 215 15.32 -35.67 -19.32
CA VAL B 215 16.00 -35.03 -18.20
C VAL B 215 17.11 -35.92 -17.66
N LEU B 216 16.78 -37.19 -17.44
CA LEU B 216 17.74 -38.16 -16.91
C LEU B 216 18.90 -38.32 -17.87
N ALA B 217 18.60 -38.44 -19.16
CA ALA B 217 19.65 -38.58 -20.17
C ALA B 217 20.58 -37.37 -20.13
N ALA B 218 19.99 -36.18 -19.96
CA ALA B 218 20.78 -34.95 -19.93
C ALA B 218 21.69 -34.88 -18.70
N MET B 219 21.19 -35.38 -17.57
CA MET B 219 21.97 -35.35 -16.34
C MET B 219 23.14 -36.34 -16.43
N ARG B 220 22.90 -37.46 -17.11
CA ARG B 220 23.93 -38.48 -17.28
C ARG B 220 24.99 -38.11 -18.30
N SER B 221 24.64 -37.29 -19.29
CA SER B 221 25.62 -36.89 -20.30
C SER B 221 26.45 -35.68 -19.91
N ALA B 222 25.99 -34.93 -18.91
CA ALA B 222 26.72 -33.74 -18.49
C ALA B 222 28.05 -34.12 -17.84
N THR B 223 29.06 -33.29 -18.05
CA THR B 223 30.36 -33.51 -17.46
C THR B 223 30.28 -33.02 -16.01
N SER B 224 29.44 -32.01 -15.77
CA SER B 224 29.27 -31.46 -14.43
C SER B 224 27.82 -31.15 -14.06
N PRO B 225 27.01 -32.19 -13.83
CA PRO B 225 25.61 -32.03 -13.46
C PRO B 225 25.49 -31.46 -12.03
N VAL B 226 24.46 -30.66 -11.82
CA VAL B 226 24.21 -30.06 -10.50
C VAL B 226 22.70 -30.06 -10.26
N LEU B 227 22.30 -30.50 -9.08
CA LEU B 227 20.88 -30.51 -8.74
C LEU B 227 20.64 -29.34 -7.81
N MET B 228 19.82 -28.39 -8.23
CA MET B 228 19.51 -27.25 -7.38
C MET B 228 18.12 -27.50 -6.80
N VAL B 229 18.00 -27.41 -5.48
CA VAL B 229 16.74 -27.63 -4.79
C VAL B 229 16.24 -26.24 -4.45
N CYS B 230 15.05 -25.94 -4.94
CA CYS B 230 14.50 -24.61 -4.84
C CYS B 230 13.14 -24.41 -4.21
N VAL B 231 12.61 -23.19 -4.34
CA VAL B 231 11.35 -22.85 -3.71
C VAL B 231 10.19 -23.81 -3.87
N GLU B 232 9.90 -24.29 -5.08
CA GLU B 232 8.77 -25.20 -5.23
C GLU B 232 8.89 -26.49 -4.42
N VAL B 233 10.11 -26.95 -4.19
CA VAL B 233 10.30 -28.17 -3.42
C VAL B 233 9.71 -27.97 -2.02
N ARG B 234 9.98 -26.81 -1.44
CA ARG B 234 9.45 -26.49 -0.12
C ARG B 234 7.94 -26.23 -0.18
N ARG B 235 7.50 -25.40 -1.12
CA ARG B 235 6.08 -25.06 -1.22
C ARG B 235 5.16 -26.28 -1.39
N TYR B 236 5.61 -27.23 -2.19
CA TYR B 236 4.81 -28.43 -2.45
C TYR B 236 5.10 -29.58 -1.48
N GLY B 237 5.88 -29.31 -0.44
CA GLY B 237 6.21 -30.32 0.55
C GLY B 237 6.87 -31.57 0.00
N LEU B 238 7.80 -31.37 -0.93
CA LEU B 238 8.50 -32.49 -1.56
C LEU B 238 9.90 -32.76 -1.00
N GLU B 239 10.19 -32.27 0.20
CA GLU B 239 11.54 -32.48 0.74
C GLU B 239 11.95 -33.96 0.84
N ALA B 240 11.08 -34.81 1.38
CA ALA B 240 11.40 -36.23 1.53
C ALA B 240 11.68 -36.89 0.18
N LYS B 241 10.79 -36.66 -0.78
CA LYS B 241 10.91 -37.22 -2.13
C LYS B 241 12.17 -36.73 -2.84
N VAL B 242 12.51 -35.45 -2.65
CA VAL B 242 13.69 -34.88 -3.28
C VAL B 242 14.98 -35.34 -2.59
N ALA B 243 14.90 -35.61 -1.29
CA ALA B 243 16.08 -36.12 -0.59
C ALA B 243 16.40 -37.49 -1.24
N GLU B 244 15.36 -38.28 -1.49
CA GLU B 244 15.53 -39.59 -2.10
C GLU B 244 16.06 -39.46 -3.53
N LEU B 245 15.52 -38.50 -4.28
CA LEU B 245 15.97 -38.27 -5.65
C LEU B 245 17.45 -37.87 -5.67
N ALA B 246 17.82 -36.98 -4.75
CA ALA B 246 19.18 -36.49 -4.67
C ALA B 246 20.15 -37.65 -4.38
N GLN B 247 19.76 -38.53 -3.48
CA GLN B 247 20.61 -39.66 -3.14
C GLN B 247 20.80 -40.55 -4.37
N ARG B 248 19.71 -40.88 -5.06
CA ARG B 248 19.79 -41.75 -6.24
C ARG B 248 20.46 -41.16 -7.46
N LEU B 249 20.26 -39.86 -7.69
CA LEU B 249 20.83 -39.18 -8.85
C LEU B 249 22.35 -39.14 -8.72
N GLY B 250 22.81 -38.99 -7.47
CA GLY B 250 24.24 -38.98 -7.21
C GLY B 250 25.05 -37.76 -7.64
N VAL B 251 24.38 -36.65 -7.94
CA VAL B 251 25.10 -35.45 -8.34
C VAL B 251 25.12 -34.43 -7.20
N PRO B 252 26.03 -33.45 -7.27
CA PRO B 252 26.14 -32.41 -6.23
C PRO B 252 24.83 -31.66 -6.06
N VAL B 253 24.47 -31.39 -4.81
CA VAL B 253 23.24 -30.66 -4.50
C VAL B 253 23.55 -29.26 -3.99
N VAL B 254 22.83 -28.27 -4.51
CA VAL B 254 23.00 -26.87 -4.09
C VAL B 254 21.58 -26.29 -3.94
N THR B 255 21.38 -25.39 -2.98
CA THR B 255 20.06 -24.78 -2.83
C THR B 255 20.10 -23.35 -3.37
N THR B 256 18.92 -22.81 -3.69
CA THR B 256 18.82 -21.42 -4.11
C THR B 256 18.52 -20.70 -2.81
N PHE B 257 18.48 -19.37 -2.85
CA PHE B 257 18.17 -18.61 -1.64
C PHE B 257 16.86 -19.07 -1.00
N MET B 258 15.84 -19.26 -1.81
CA MET B 258 14.54 -19.69 -1.29
C MET B 258 14.44 -21.16 -1.00
N GLY B 259 15.55 -21.88 -1.21
CA GLY B 259 15.58 -23.30 -0.93
C GLY B 259 16.51 -23.50 0.26
N ARG B 260 16.94 -22.40 0.85
CA ARG B 260 17.84 -22.41 1.99
C ARG B 260 17.32 -23.37 3.07
N GLY B 261 18.19 -24.26 3.53
CA GLY B 261 17.80 -25.20 4.57
C GLY B 261 17.23 -26.52 4.10
N LEU B 262 16.81 -26.62 2.84
CA LEU B 262 16.24 -27.88 2.34
C LEU B 262 17.27 -29.01 2.33
N LEU B 263 16.81 -30.23 2.57
CA LEU B 263 17.67 -31.41 2.57
C LEU B 263 18.81 -31.36 3.59
N ALA B 264 18.64 -30.56 4.63
CA ALA B 264 19.67 -30.46 5.67
C ALA B 264 19.86 -31.82 6.32
N ASP B 265 18.77 -32.57 6.47
CA ASP B 265 18.84 -33.89 7.10
C ASP B 265 18.87 -35.02 6.07
N ALA B 266 19.12 -34.68 4.82
CA ALA B 266 19.15 -35.68 3.75
C ALA B 266 20.46 -36.45 3.69
N PRO B 267 20.44 -37.65 3.09
CA PRO B 267 21.64 -38.48 2.95
C PRO B 267 22.75 -37.70 2.26
N THR B 268 22.36 -36.83 1.31
CA THR B 268 23.35 -36.01 0.61
C THR B 268 22.93 -34.54 0.70
N PRO B 269 23.20 -33.89 1.84
CA PRO B 269 22.83 -32.48 2.03
C PRO B 269 23.51 -31.54 1.04
N PRO B 270 22.91 -30.37 0.80
CA PRO B 270 23.48 -29.39 -0.13
C PRO B 270 24.91 -29.02 0.24
N LEU B 271 25.73 -28.75 -0.77
CA LEU B 271 27.11 -28.33 -0.57
C LEU B 271 27.06 -26.91 -0.04
N GLY B 272 25.98 -26.22 -0.33
CA GLY B 272 25.81 -24.85 0.11
C GLY B 272 24.67 -24.16 -0.61
N THR B 273 24.60 -22.84 -0.48
CA THR B 273 23.53 -22.05 -1.10
C THR B 273 24.07 -21.01 -2.08
N TYR B 274 23.45 -20.97 -3.26
CA TYR B 274 23.84 -20.02 -4.30
C TYR B 274 23.06 -18.73 -4.08
N ILE B 275 23.79 -17.62 -3.96
CA ILE B 275 23.14 -16.34 -3.78
C ILE B 275 23.75 -15.30 -4.69
N GLY B 276 24.46 -15.77 -5.72
CA GLY B 276 25.06 -14.85 -6.66
C GLY B 276 26.47 -14.44 -6.30
N VAL B 277 26.86 -13.25 -6.76
CA VAL B 277 28.20 -12.74 -6.53
C VAL B 277 28.66 -12.67 -5.07
N ALA B 278 27.75 -12.36 -4.15
CA ALA B 278 28.13 -12.27 -2.74
C ALA B 278 28.30 -13.60 -2.02
N GLY B 279 28.01 -14.71 -2.71
CA GLY B 279 28.13 -16.02 -2.07
C GLY B 279 29.49 -16.68 -2.21
N ASP B 280 29.59 -17.94 -1.77
CA ASP B 280 30.83 -18.70 -1.85
C ASP B 280 31.25 -18.86 -3.31
N ALA B 281 32.44 -18.38 -3.66
CA ALA B 281 32.93 -18.47 -5.03
C ALA B 281 32.94 -19.87 -5.62
N GLU B 282 33.22 -20.87 -4.78
CA GLU B 282 33.25 -22.24 -5.27
C GLU B 282 31.83 -22.70 -5.64
N ILE B 283 30.85 -22.30 -4.83
CA ILE B 283 29.46 -22.66 -5.11
C ILE B 283 28.96 -21.94 -6.35
N THR B 284 29.27 -20.65 -6.45
CA THR B 284 28.86 -19.82 -7.58
C THR B 284 29.38 -20.42 -8.90
N ARG B 285 30.65 -20.80 -8.90
CA ARG B 285 31.25 -21.38 -10.11
C ARG B 285 30.62 -22.73 -10.47
N LEU B 286 30.41 -23.57 -9.47
CA LEU B 286 29.81 -24.88 -9.68
C LEU B 286 28.46 -24.76 -10.38
N VAL B 287 27.67 -23.80 -9.96
CA VAL B 287 26.36 -23.57 -10.55
C VAL B 287 26.47 -22.99 -11.96
N GLU B 288 27.17 -21.87 -12.06
CA GLU B 288 27.28 -21.17 -13.33
C GLU B 288 28.01 -21.89 -14.46
N GLU B 289 28.89 -22.83 -14.11
CA GLU B 289 29.62 -23.55 -15.15
C GLU B 289 29.09 -24.96 -15.40
N SER B 290 28.00 -25.31 -14.72
CA SER B 290 27.41 -26.64 -14.89
C SER B 290 26.84 -26.78 -16.30
N ASP B 291 27.03 -27.96 -16.90
CA ASP B 291 26.49 -28.23 -18.23
C ASP B 291 25.34 -29.21 -18.07
N GLY B 292 24.72 -29.20 -16.89
CA GLY B 292 23.60 -30.05 -16.59
C GLY B 292 22.98 -29.53 -15.31
N LEU B 293 22.60 -28.24 -15.35
CA LEU B 293 22.02 -27.55 -14.20
C LEU B 293 20.53 -27.83 -14.07
N PHE B 294 20.19 -28.71 -13.14
CA PHE B 294 18.80 -29.12 -12.94
C PHE B 294 18.19 -28.20 -11.90
N LEU B 295 17.45 -27.19 -12.36
CA LEU B 295 16.80 -26.21 -11.48
C LEU B 295 15.46 -26.77 -11.09
N LEU B 296 15.45 -27.52 -9.98
CA LEU B 296 14.23 -28.15 -9.51
C LEU B 296 13.35 -27.21 -8.70
N GLY B 297 12.40 -26.56 -9.38
CA GLY B 297 11.46 -25.64 -8.77
C GLY B 297 11.95 -24.22 -8.52
N ALA B 298 12.88 -23.75 -9.34
CA ALA B 298 13.45 -22.44 -9.15
C ALA B 298 12.83 -21.24 -9.82
N ILE B 299 12.82 -20.13 -9.10
CA ILE B 299 12.36 -18.87 -9.65
C ILE B 299 13.62 -18.34 -10.36
N LEU B 300 13.51 -17.99 -11.63
CA LEU B 300 14.66 -17.45 -12.35
C LEU B 300 14.45 -15.95 -12.56
N SER B 301 15.48 -15.16 -12.29
CA SER B 301 15.38 -13.72 -12.48
C SER B 301 16.73 -13.04 -12.24
N ASP B 302 16.86 -11.81 -12.74
CA ASP B 302 18.09 -11.05 -12.58
C ASP B 302 18.11 -10.40 -11.21
N THR B 303 17.28 -10.92 -10.32
CA THR B 303 17.18 -10.44 -8.95
C THR B 303 18.47 -10.69 -8.17
N ASN B 304 18.70 -9.89 -7.14
CA ASN B 304 19.88 -10.01 -6.31
C ASN B 304 20.34 -11.43 -5.96
N PHE B 305 19.57 -12.15 -5.16
CA PHE B 305 19.97 -13.50 -4.74
C PHE B 305 19.45 -14.65 -5.58
N ALA B 306 18.78 -14.34 -6.69
CA ALA B 306 18.23 -15.39 -7.53
C ALA B 306 19.18 -15.91 -8.59
N VAL B 307 18.80 -17.06 -9.16
CA VAL B 307 19.57 -17.64 -10.26
C VAL B 307 19.08 -16.85 -11.46
N SER B 308 20.01 -16.28 -12.21
CA SER B 308 19.70 -15.47 -13.38
C SER B 308 20.00 -16.19 -14.69
N GLN B 309 19.09 -16.07 -15.65
CA GLN B 309 19.28 -16.70 -16.96
C GLN B 309 20.56 -16.18 -17.61
N ARG B 310 20.95 -14.96 -17.26
CA ARG B 310 22.16 -14.35 -17.82
C ARG B 310 23.46 -14.98 -17.33
N LYS B 311 23.42 -15.69 -16.20
CA LYS B 311 24.63 -16.27 -15.63
C LYS B 311 24.82 -17.77 -15.80
N ILE B 312 23.86 -18.45 -16.41
CA ILE B 312 23.95 -19.88 -16.60
C ILE B 312 23.90 -20.30 -18.08
N ASP B 313 24.23 -21.56 -18.34
CA ASP B 313 24.24 -22.10 -19.70
C ASP B 313 22.83 -22.55 -20.10
N LEU B 314 22.11 -21.73 -20.86
CA LEU B 314 20.75 -22.06 -21.27
C LEU B 314 20.61 -23.26 -22.19
N ARG B 315 21.69 -23.68 -22.82
CA ARG B 315 21.64 -24.85 -23.70
C ARG B 315 21.74 -26.13 -22.86
N LYS B 316 22.04 -25.98 -21.57
CA LYS B 316 22.20 -27.13 -20.69
C LYS B 316 21.36 -27.11 -19.41
N THR B 317 20.67 -26.01 -19.16
CA THR B 317 19.85 -25.91 -17.96
C THR B 317 18.54 -26.69 -18.11
N ILE B 318 18.08 -27.29 -17.02
CA ILE B 318 16.81 -28.00 -17.03
C ILE B 318 15.98 -27.25 -16.00
N HIS B 319 14.99 -26.50 -16.46
CA HIS B 319 14.15 -25.67 -15.59
C HIS B 319 12.77 -26.29 -15.32
N ALA B 320 12.60 -26.88 -14.14
CA ALA B 320 11.32 -27.51 -13.76
C ALA B 320 10.65 -26.49 -12.84
N PHE B 321 9.61 -25.83 -13.34
CA PHE B 321 8.98 -24.76 -12.59
C PHE B 321 7.64 -24.40 -13.21
N ASP B 322 6.69 -23.98 -12.37
CA ASP B 322 5.35 -23.60 -12.85
C ASP B 322 4.68 -24.68 -13.69
N ARG B 323 4.82 -25.93 -13.26
CA ARG B 323 4.22 -27.09 -13.93
C ARG B 323 4.69 -27.34 -15.35
N ALA B 324 5.93 -26.95 -15.63
CA ALA B 324 6.52 -27.17 -16.95
C ALA B 324 7.99 -27.52 -16.75
N VAL B 325 8.61 -28.07 -17.80
CA VAL B 325 10.02 -28.41 -17.77
C VAL B 325 10.65 -27.96 -19.08
N THR B 326 11.63 -27.08 -18.97
CA THR B 326 12.31 -26.54 -20.13
C THR B 326 13.81 -26.86 -20.20
N LEU B 327 14.26 -27.33 -21.36
CA LEU B 327 15.68 -27.61 -21.59
C LEU B 327 15.92 -27.63 -23.09
N GLY B 328 17.09 -27.19 -23.53
CA GLY B 328 17.37 -27.17 -24.96
C GLY B 328 16.37 -26.29 -25.70
N TYR B 329 15.92 -25.23 -25.02
CA TYR B 329 14.96 -24.27 -25.55
C TYR B 329 13.58 -24.83 -25.84
N HIS B 330 13.31 -26.06 -25.43
CA HIS B 330 11.99 -26.67 -25.62
C HIS B 330 11.33 -26.98 -24.29
N THR B 331 10.00 -26.99 -24.29
CA THR B 331 9.26 -27.19 -23.06
C THR B 331 8.23 -28.32 -23.03
N TYR B 332 8.22 -29.05 -21.91
CA TYR B 332 7.24 -30.11 -21.68
C TYR B 332 6.18 -29.45 -20.81
N ALA B 333 4.97 -29.34 -21.31
CA ALA B 333 3.89 -28.69 -20.58
C ALA B 333 3.14 -29.63 -19.65
N ASP B 334 2.47 -29.02 -18.66
CA ASP B 334 1.66 -29.76 -17.71
C ASP B 334 2.38 -30.91 -17.04
N ILE B 335 3.56 -30.60 -16.51
CA ILE B 335 4.36 -31.56 -15.77
C ILE B 335 4.52 -31.05 -14.34
N PRO B 336 3.71 -31.55 -13.40
CA PRO B 336 3.84 -31.08 -12.01
C PRO B 336 5.17 -31.54 -11.44
N LEU B 337 5.78 -30.71 -10.60
CA LEU B 337 7.09 -31.06 -10.03
C LEU B 337 7.03 -32.42 -9.35
N ALA B 338 5.97 -32.66 -8.58
CA ALA B 338 5.81 -33.94 -7.87
C ALA B 338 5.81 -35.11 -8.85
N GLY B 339 5.11 -34.94 -9.97
CA GLY B 339 5.06 -36.00 -10.96
C GLY B 339 6.42 -36.27 -11.58
N LEU B 340 7.16 -35.21 -11.85
CA LEU B 340 8.47 -35.33 -12.46
C LEU B 340 9.40 -36.08 -11.51
N VAL B 341 9.37 -35.69 -10.24
CA VAL B 341 10.21 -36.34 -9.25
C VAL B 341 9.90 -37.84 -9.15
N ASP B 342 8.62 -38.20 -9.08
CA ASP B 342 8.25 -39.61 -8.99
C ASP B 342 8.69 -40.38 -10.23
N ALA B 343 8.52 -39.77 -11.41
CA ALA B 343 8.92 -40.41 -12.68
C ALA B 343 10.43 -40.65 -12.72
N LEU B 344 11.20 -39.71 -12.19
CA LEU B 344 12.64 -39.88 -12.17
C LEU B 344 13.01 -40.96 -11.17
N LEU B 345 12.29 -41.03 -10.05
CA LEU B 345 12.58 -42.05 -9.05
C LEU B 345 12.33 -43.45 -9.63
N GLU B 346 11.29 -43.57 -10.45
CA GLU B 346 10.96 -44.84 -11.06
C GLU B 346 12.05 -45.32 -12.02
N ARG B 347 12.88 -44.38 -12.48
CA ARG B 347 13.94 -44.70 -13.43
C ARG B 347 15.32 -44.75 -12.81
N LEU B 348 15.39 -44.63 -11.49
CA LEU B 348 16.69 -44.64 -10.81
C LEU B 348 16.77 -45.75 -9.77
N PRO B 349 17.91 -46.45 -9.73
CA PRO B 349 18.05 -47.52 -8.73
C PRO B 349 18.30 -46.91 -7.36
N PRO B 350 17.94 -47.64 -6.30
CA PRO B 350 18.17 -47.10 -4.96
C PRO B 350 19.68 -46.96 -4.72
N SER B 351 20.04 -46.23 -3.68
CA SER B 351 21.43 -46.02 -3.34
C SER B 351 21.59 -45.87 -1.84
N ASP B 352 22.78 -46.15 -1.34
CA ASP B 352 23.07 -46.03 0.10
C ASP B 352 24.13 -44.95 0.28
N ARG B 353 24.41 -44.22 -0.80
CA ARG B 353 25.42 -43.17 -0.77
C ARG B 353 25.06 -42.05 0.20
N THR B 354 26.07 -41.50 0.86
CA THR B 354 25.88 -40.41 1.81
C THR B 354 27.10 -39.51 1.81
N THR B 355 26.92 -38.26 2.21
CA THR B 355 28.02 -37.30 2.27
C THR B 355 28.00 -36.56 3.60
N ARG B 356 27.24 -37.10 4.56
CA ARG B 356 27.08 -36.50 5.87
C ARG B 356 28.30 -36.61 6.80
N GLY B 357 29.45 -36.99 6.25
CA GLY B 357 30.65 -37.10 7.06
C GLY B 357 31.46 -35.81 7.04
N LYS B 358 31.04 -34.89 6.18
CA LYS B 358 31.72 -33.61 6.02
C LYS B 358 31.60 -32.68 7.23
N GLU B 359 32.39 -31.62 7.22
CA GLU B 359 32.39 -30.62 8.30
C GLU B 359 31.23 -29.65 8.08
N PRO B 360 30.54 -29.26 9.17
CA PRO B 360 29.41 -28.32 9.10
C PRO B 360 29.82 -26.91 8.69
N HIS B 361 28.83 -26.06 8.46
CA HIS B 361 29.08 -24.68 8.07
C HIS B 361 29.63 -23.86 9.22
N ALA B 362 30.56 -22.96 8.92
CA ALA B 362 31.17 -22.12 9.93
C ALA B 362 30.49 -20.76 10.00
N TYR B 363 29.72 -20.54 11.07
CA TYR B 363 29.00 -19.28 11.28
C TYR B 363 29.85 -18.33 12.11
N PRO B 364 29.70 -17.01 11.88
CA PRO B 364 30.49 -16.06 12.67
C PRO B 364 30.03 -16.10 14.13
N THR B 365 30.98 -16.36 15.02
CA THR B 365 30.69 -16.45 16.45
C THR B 365 31.73 -15.65 17.24
N GLY B 366 31.63 -15.71 18.56
CA GLY B 366 32.57 -15.00 19.41
C GLY B 366 32.41 -13.50 19.53
N LEU B 367 31.23 -13.09 20.01
CA LEU B 367 30.98 -11.67 20.20
C LEU B 367 31.84 -11.16 21.35
N GLN B 368 32.49 -10.03 21.12
CA GLN B 368 33.31 -9.42 22.16
C GLN B 368 32.40 -8.45 22.92
N ALA B 369 31.80 -8.93 24.01
CA ALA B 369 30.91 -8.12 24.82
C ALA B 369 31.65 -7.00 25.53
N ASP B 370 32.12 -6.01 24.77
CA ASP B 370 32.84 -4.89 25.36
C ASP B 370 32.18 -3.54 25.09
N GLY B 371 32.92 -2.47 25.34
CA GLY B 371 32.38 -1.13 25.15
C GLY B 371 32.48 -0.56 23.75
N GLU B 372 32.81 -1.40 22.78
CA GLU B 372 32.93 -0.93 21.40
C GLU B 372 31.56 -0.84 20.72
N PRO B 373 31.42 0.10 19.77
CA PRO B 373 30.17 0.29 19.03
C PRO B 373 29.78 -0.97 18.25
N ILE B 374 28.51 -1.02 17.84
CA ILE B 374 27.95 -2.17 17.14
C ILE B 374 28.03 -2.14 15.62
N ALA B 375 28.36 -3.29 15.04
CA ALA B 375 28.43 -3.43 13.59
C ALA B 375 27.48 -4.60 13.28
N PRO B 376 26.93 -4.65 12.06
CA PRO B 376 26.02 -5.76 11.75
C PRO B 376 26.51 -7.15 12.14
N MET B 377 27.78 -7.45 11.84
CA MET B 377 28.34 -8.76 12.16
C MET B 377 28.33 -9.05 13.67
N ASP B 378 28.40 -8.00 14.49
CA ASP B 378 28.37 -8.19 15.95
C ASP B 378 27.00 -8.75 16.32
N ILE B 379 25.98 -8.28 15.59
CA ILE B 379 24.62 -8.73 15.82
C ILE B 379 24.52 -10.21 15.46
N ALA B 380 25.19 -10.58 14.37
CA ALA B 380 25.19 -11.98 13.94
C ALA B 380 25.83 -12.86 15.01
N ARG B 381 26.99 -12.41 15.50
CA ARG B 381 27.73 -13.15 16.52
C ARG B 381 26.91 -13.32 17.79
N ALA B 382 26.18 -12.27 18.17
CA ALA B 382 25.37 -12.30 19.38
C ALA B 382 24.30 -13.40 19.29
N VAL B 383 23.61 -13.47 18.16
CA VAL B 383 22.59 -14.49 17.97
C VAL B 383 23.20 -15.89 17.94
N ASN B 384 24.26 -16.06 17.17
CA ASN B 384 24.92 -17.34 17.01
C ASN B 384 25.52 -17.89 18.32
N ASP B 385 26.02 -17.01 19.18
CA ASP B 385 26.59 -17.47 20.44
C ASP B 385 25.53 -18.07 21.35
N ARG B 386 24.34 -17.48 21.38
CA ARG B 386 23.29 -18.03 22.22
C ARG B 386 22.94 -19.43 21.73
N VAL B 387 22.97 -19.61 20.41
CA VAL B 387 22.64 -20.91 19.85
C VAL B 387 23.71 -21.93 20.22
N ARG B 388 24.97 -21.52 20.12
CA ARG B 388 26.06 -22.41 20.46
C ARG B 388 26.03 -22.73 21.95
N ALA B 389 25.59 -21.76 22.75
CA ALA B 389 25.50 -21.96 24.19
C ALA B 389 24.35 -22.89 24.56
N GLY B 390 23.54 -23.27 23.58
CA GLY B 390 22.46 -24.18 23.88
C GLY B 390 21.04 -23.76 23.49
N GLN B 391 20.88 -22.54 23.01
CA GLN B 391 19.55 -22.08 22.62
C GLN B 391 19.12 -22.71 21.31
N GLU B 392 17.92 -23.29 21.28
CA GLU B 392 17.41 -23.87 20.04
C GLU B 392 17.18 -22.65 19.17
N PRO B 393 17.65 -22.69 17.91
CA PRO B 393 17.47 -21.55 16.99
C PRO B 393 16.02 -21.18 16.76
N LEU B 394 15.79 -19.91 16.46
CA LEU B 394 14.44 -19.42 16.17
C LEU B 394 14.33 -19.17 14.68
N LEU B 395 13.13 -19.30 14.14
CA LEU B 395 12.95 -19.00 12.73
C LEU B 395 13.12 -17.49 12.68
N ILE B 396 13.76 -17.00 11.62
CA ILE B 396 14.00 -15.57 11.49
C ILE B 396 13.19 -14.97 10.35
N ALA B 397 12.53 -13.84 10.63
CA ALA B 397 11.78 -13.12 9.60
C ALA B 397 12.61 -11.85 9.40
N ALA B 398 13.03 -11.60 8.17
CA ALA B 398 13.86 -10.44 7.89
C ALA B 398 13.23 -9.50 6.89
N ASP B 399 13.45 -8.20 7.08
CA ASP B 399 12.93 -7.23 6.11
C ASP B 399 14.03 -7.08 5.05
N MET B 400 13.83 -6.22 4.07
CA MET B 400 14.84 -6.00 3.04
C MET B 400 15.76 -4.90 3.58
N GLY B 401 17.06 -5.08 3.41
CA GLY B 401 18.04 -4.11 3.87
C GLY B 401 19.26 -4.87 4.36
N ASP B 402 20.20 -4.21 5.01
CA ASP B 402 21.37 -4.94 5.48
C ASP B 402 20.96 -5.96 6.54
N CYS B 403 19.78 -5.78 7.12
CA CYS B 403 19.31 -6.74 8.11
C CYS B 403 19.22 -8.14 7.47
N LEU B 404 18.85 -8.20 6.19
CA LEU B 404 18.75 -9.48 5.50
C LEU B 404 20.15 -10.04 5.21
N PHE B 405 21.04 -9.19 4.71
CA PHE B 405 22.41 -9.61 4.41
C PHE B 405 23.10 -10.10 5.67
N THR B 406 22.69 -9.57 6.82
CA THR B 406 23.26 -9.95 8.11
C THR B 406 22.66 -11.28 8.57
N ALA B 407 21.36 -11.43 8.39
CA ALA B 407 20.65 -12.64 8.78
C ALA B 407 21.13 -13.88 8.04
N MET B 408 21.72 -13.67 6.85
CA MET B 408 22.20 -14.81 6.09
C MET B 408 23.34 -15.52 6.79
N ASP B 409 24.00 -14.81 7.71
CA ASP B 409 25.09 -15.40 8.48
C ASP B 409 24.64 -15.78 9.90
N MET B 410 23.33 -15.92 10.08
CA MET B 410 22.78 -16.32 11.38
C MET B 410 22.25 -17.75 11.34
N ILE B 411 22.44 -18.46 12.44
CA ILE B 411 21.96 -19.82 12.58
C ILE B 411 20.46 -19.67 12.84
N ASP B 412 19.65 -20.32 11.98
CA ASP B 412 18.20 -20.19 12.10
C ASP B 412 17.44 -21.50 12.05
N ALA B 413 16.15 -21.42 12.31
CA ALA B 413 15.26 -22.57 12.24
C ALA B 413 14.33 -22.19 11.09
N GLY B 414 14.96 -21.63 10.06
CA GLY B 414 14.27 -21.19 8.87
C GLY B 414 14.48 -19.69 8.72
N LEU B 415 14.51 -19.21 7.48
CA LEU B 415 14.68 -17.78 7.21
C LEU B 415 13.59 -17.37 6.21
N MET B 416 12.78 -16.40 6.61
CA MET B 416 11.68 -15.89 5.79
C MET B 416 12.02 -14.45 5.46
N ALA B 417 12.22 -14.14 4.18
CA ALA B 417 12.57 -12.78 3.77
C ALA B 417 12.31 -12.56 2.28
N PRO B 418 12.11 -11.29 1.88
CA PRO B 418 11.85 -10.96 0.47
C PRO B 418 13.18 -10.95 -0.29
N GLY B 419 13.86 -12.09 -0.28
CA GLY B 419 15.16 -12.21 -0.93
C GLY B 419 15.18 -11.92 -2.42
N TYR B 420 14.09 -12.17 -3.12
CA TYR B 420 14.03 -11.89 -4.55
C TYR B 420 13.24 -10.62 -4.86
N TYR B 421 12.07 -10.48 -4.24
CA TYR B 421 11.21 -9.33 -4.48
C TYR B 421 11.85 -8.04 -3.98
N ALA B 422 12.59 -8.14 -2.87
CA ALA B 422 13.29 -6.99 -2.28
C ALA B 422 12.42 -5.80 -1.87
N GLY B 423 11.18 -6.06 -1.51
CA GLY B 423 10.31 -4.97 -1.08
C GLY B 423 10.36 -4.82 0.44
N MET B 424 10.45 -3.58 0.90
CA MET B 424 10.51 -3.29 2.32
C MET B 424 9.16 -3.32 3.02
N GLY B 425 9.20 -3.62 4.32
CA GLY B 425 8.00 -3.65 5.14
C GLY B 425 7.55 -5.04 5.56
N PHE B 426 8.11 -6.05 4.92
CA PHE B 426 7.78 -7.46 5.16
C PHE B 426 8.14 -7.98 6.55
N GLY B 427 9.31 -7.54 7.03
CA GLY B 427 9.86 -8.02 8.28
C GLY B 427 9.02 -8.22 9.54
N VAL B 428 8.59 -7.11 10.13
CA VAL B 428 7.83 -7.20 11.36
C VAL B 428 6.49 -7.93 11.15
N PRO B 429 5.72 -7.55 10.12
CA PRO B 429 4.43 -8.23 9.90
C PRO B 429 4.60 -9.73 9.66
N ALA B 430 5.68 -10.12 8.99
CA ALA B 430 5.96 -11.53 8.72
C ALA B 430 6.26 -12.25 10.04
N GLY B 431 7.07 -11.63 10.89
CA GLY B 431 7.39 -12.23 12.18
C GLY B 431 6.11 -12.44 12.98
N ILE B 432 5.21 -11.47 12.90
CA ILE B 432 3.91 -11.52 13.58
C ILE B 432 3.05 -12.64 12.99
N GLY B 433 2.93 -12.67 11.67
CA GLY B 433 2.12 -13.69 11.04
C GLY B 433 2.64 -15.09 11.35
N ALA B 434 3.96 -15.25 11.28
CA ALA B 434 4.56 -16.54 11.56
C ALA B 434 4.31 -16.95 13.02
N GLN B 435 4.51 -16.03 13.96
CA GLN B 435 4.30 -16.42 15.35
C GLN B 435 2.85 -16.72 15.64
N CYS B 436 1.94 -16.13 14.86
CA CYS B 436 0.51 -16.41 15.06
C CYS B 436 0.18 -17.88 14.75
N VAL B 437 0.96 -18.50 13.87
CA VAL B 437 0.69 -19.89 13.49
C VAL B 437 1.79 -20.87 13.88
N SER B 438 2.77 -20.41 14.66
CA SER B 438 3.88 -21.26 15.06
C SER B 438 3.58 -22.21 16.22
N GLY B 439 2.36 -22.12 16.77
CA GLY B 439 1.99 -22.98 17.88
C GLY B 439 2.90 -22.93 19.09
N GLY B 440 3.36 -21.73 19.45
CA GLY B 440 4.21 -21.60 20.61
C GLY B 440 5.66 -21.27 20.34
N LYS B 441 6.11 -21.47 19.10
CA LYS B 441 7.49 -21.16 18.76
C LYS B 441 7.70 -19.66 18.63
N ARG B 442 8.70 -19.15 19.33
CA ARG B 442 8.99 -17.72 19.28
C ARG B 442 9.71 -17.36 17.98
N ILE B 443 9.45 -16.16 17.46
CA ILE B 443 10.07 -15.73 16.21
C ILE B 443 11.01 -14.54 16.41
N LEU B 444 12.15 -14.59 15.73
CA LEU B 444 13.14 -13.52 15.78
C LEU B 444 12.99 -12.72 14.48
N THR B 445 12.84 -11.40 14.60
CA THR B 445 12.71 -10.53 13.43
C THR B 445 13.87 -9.54 13.39
N VAL B 446 14.44 -9.35 12.20
CA VAL B 446 15.50 -8.36 12.03
C VAL B 446 14.96 -7.36 11.00
N VAL B 447 15.16 -6.08 11.28
CA VAL B 447 14.62 -5.02 10.44
C VAL B 447 15.43 -3.72 10.57
N GLY B 448 15.55 -2.96 9.47
CA GLY B 448 16.28 -1.71 9.48
C GLY B 448 15.39 -0.55 9.94
N ASP B 449 15.98 0.61 10.21
CA ASP B 449 15.19 1.75 10.66
C ASP B 449 14.24 2.22 9.58
N GLY B 450 14.70 2.22 8.33
CA GLY B 450 13.83 2.65 7.24
C GLY B 450 12.59 1.77 7.12
N ALA B 451 12.80 0.46 7.14
CA ALA B 451 11.69 -0.48 7.05
C ALA B 451 10.82 -0.43 8.29
N PHE B 452 11.42 -0.21 9.47
CA PHE B 452 10.63 -0.16 10.70
C PHE B 452 9.65 1.01 10.65
N GLN B 453 10.11 2.14 10.11
CA GLN B 453 9.25 3.33 9.99
C GLN B 453 8.01 3.04 9.15
N MET B 454 8.10 2.02 8.29
CA MET B 454 7.00 1.65 7.42
C MET B 454 5.98 0.77 8.11
N THR B 455 6.44 -0.35 8.67
CA THR B 455 5.53 -1.30 9.28
C THR B 455 5.87 -1.87 10.66
N GLY B 456 6.93 -1.37 11.29
CA GLY B 456 7.28 -1.88 12.61
C GLY B 456 6.19 -1.62 13.64
N TRP B 457 5.38 -0.59 13.39
CA TRP B 457 4.28 -0.19 14.26
C TRP B 457 3.25 -1.30 14.47
N GLU B 458 3.24 -2.30 13.61
CA GLU B 458 2.28 -3.39 13.74
C GLU B 458 2.50 -4.19 15.03
N LEU B 459 3.65 -3.98 15.68
CA LEU B 459 3.95 -4.69 16.93
C LEU B 459 2.97 -4.29 18.04
N GLY B 460 2.28 -3.17 17.83
CA GLY B 460 1.29 -2.76 18.82
C GLY B 460 0.16 -3.77 18.91
N ASN B 461 0.10 -4.68 17.95
CA ASN B 461 -0.94 -5.69 17.94
C ASN B 461 -0.57 -6.99 18.66
N CYS B 462 0.69 -7.11 19.08
CA CYS B 462 1.13 -8.35 19.74
C CYS B 462 0.31 -8.74 20.95
N ARG B 463 -0.06 -7.77 21.78
CA ARG B 463 -0.86 -8.07 22.99
C ARG B 463 -2.16 -8.80 22.66
N ARG B 464 -2.94 -8.24 21.74
CA ARG B 464 -4.20 -8.85 21.35
C ARG B 464 -3.98 -10.23 20.72
N LEU B 465 -2.95 -10.33 19.88
CA LEU B 465 -2.64 -11.59 19.20
C LEU B 465 -2.04 -12.63 20.12
N GLY B 466 -1.64 -12.21 21.32
CA GLY B 466 -1.06 -13.14 22.27
C GLY B 466 0.32 -13.68 21.89
N ILE B 467 1.15 -12.84 21.27
CA ILE B 467 2.49 -13.24 20.86
C ILE B 467 3.52 -12.26 21.40
N ASP B 468 4.79 -12.64 21.34
CA ASP B 468 5.88 -11.80 21.86
C ASP B 468 7.18 -11.94 21.09
N PRO B 469 7.17 -11.63 19.79
CA PRO B 469 8.40 -11.75 19.02
C PRO B 469 9.56 -10.89 19.51
N ILE B 470 10.77 -11.33 19.18
CA ILE B 470 11.96 -10.57 19.51
C ILE B 470 12.34 -9.85 18.22
N VAL B 471 12.52 -8.53 18.32
CA VAL B 471 12.84 -7.74 17.16
C VAL B 471 14.14 -6.95 17.32
N ILE B 472 15.09 -7.20 16.44
CA ILE B 472 16.36 -6.48 16.49
C ILE B 472 16.26 -5.46 15.37
N LEU B 473 16.26 -4.20 15.75
CA LEU B 473 16.13 -3.10 14.80
C LEU B 473 17.50 -2.49 14.56
N PHE B 474 17.95 -2.55 13.30
CA PHE B 474 19.25 -2.00 12.90
C PHE B 474 19.05 -0.51 12.63
N ASN B 475 19.37 0.32 13.62
CA ASN B 475 19.17 1.75 13.44
C ASN B 475 20.45 2.50 13.10
N ASN B 476 20.66 2.77 11.82
CA ASN B 476 21.81 3.54 11.39
C ASN B 476 21.35 4.90 10.87
N ALA B 477 20.12 5.26 11.26
CA ALA B 477 19.50 6.53 10.84
C ALA B 477 19.85 6.75 9.39
N SER B 478 19.55 5.74 8.58
CA SER B 478 19.89 5.80 7.17
C SER B 478 19.26 4.70 6.33
N TRP B 479 19.13 5.02 5.04
CA TRP B 479 18.68 4.06 4.03
C TRP B 479 20.07 3.67 3.53
N GLU B 480 20.77 2.86 4.33
CA GLU B 480 22.16 2.49 4.07
C GLU B 480 22.49 1.75 2.79
N MET B 481 21.59 0.87 2.33
CA MET B 481 21.85 0.19 1.08
C MET B 481 21.88 1.20 -0.06
N LEU B 482 21.09 2.26 0.08
CA LEU B 482 21.08 3.29 -0.97
C LEU B 482 22.32 4.18 -0.86
N ARG B 483 22.77 4.48 0.36
CA ARG B 483 23.98 5.30 0.53
C ARG B 483 25.15 4.59 -0.15
N THR B 484 25.24 3.29 0.11
CA THR B 484 26.30 2.45 -0.44
C THR B 484 26.42 2.53 -1.96
N PHE B 485 25.29 2.59 -2.67
CA PHE B 485 25.30 2.67 -4.12
C PHE B 485 25.47 4.08 -4.64
N GLN B 486 25.18 5.06 -3.79
CA GLN B 486 25.26 6.46 -4.19
C GLN B 486 25.54 7.28 -2.92
N PRO B 487 26.77 7.18 -2.39
CA PRO B 487 27.19 7.88 -1.18
C PRO B 487 27.17 9.41 -1.21
N GLU B 488 27.22 10.00 -2.41
CA GLU B 488 27.23 11.46 -2.54
C GLU B 488 25.89 12.13 -2.26
N SER B 489 24.82 11.35 -2.13
CA SER B 489 23.49 11.91 -1.87
C SER B 489 23.20 12.16 -0.39
N ALA B 490 22.50 13.25 -0.11
CA ALA B 490 22.15 13.60 1.26
C ALA B 490 20.80 13.06 1.68
N PHE B 491 19.92 12.79 0.71
CA PHE B 491 18.58 12.28 1.04
C PHE B 491 18.51 10.94 1.75
N ASN B 492 19.63 10.21 1.80
CA ASN B 492 19.64 8.92 2.49
C ASN B 492 19.93 9.11 3.98
N ASP B 493 20.21 10.34 4.39
CA ASP B 493 20.49 10.63 5.81
C ASP B 493 19.16 10.83 6.54
N LEU B 494 18.77 9.85 7.36
CA LEU B 494 17.51 9.94 8.09
C LEU B 494 17.72 10.50 9.49
N ASP B 495 16.63 10.91 10.12
CA ASP B 495 16.68 11.43 11.47
C ASP B 495 16.84 10.28 12.44
N ASP B 496 17.13 10.62 13.67
CA ASP B 496 17.27 9.61 14.70
C ASP B 496 15.91 9.49 15.37
N TRP B 497 15.21 8.39 15.08
CA TRP B 497 13.91 8.12 15.68
C TRP B 497 14.23 7.29 16.92
N ARG B 498 13.61 7.63 18.05
CA ARG B 498 13.87 6.90 19.29
C ARG B 498 12.90 5.73 19.40
N PHE B 499 13.14 4.70 18.60
CA PHE B 499 12.24 3.54 18.55
C PHE B 499 12.08 2.81 19.88
N ALA B 500 13.18 2.59 20.58
CA ALA B 500 13.10 1.89 21.86
C ALA B 500 12.19 2.65 22.81
N ASP B 501 12.31 3.97 22.81
CA ASP B 501 11.48 4.82 23.67
C ASP B 501 9.99 4.74 23.30
N MET B 502 9.69 4.46 22.03
CA MET B 502 8.30 4.37 21.58
C MET B 502 7.67 3.00 21.82
N ALA B 503 8.49 2.01 22.12
CA ALA B 503 8.00 0.64 22.33
C ALA B 503 6.92 0.46 23.40
N ALA B 504 7.12 1.08 24.56
CA ALA B 504 6.14 0.92 25.64
C ALA B 504 4.75 1.42 25.26
N GLY B 505 4.72 2.47 24.43
CA GLY B 505 3.45 3.03 23.99
C GLY B 505 2.60 2.02 23.21
N MET B 506 3.24 1.08 22.53
CA MET B 506 2.50 0.09 21.77
C MET B 506 2.61 -1.29 22.41
N GLY B 507 2.92 -1.31 23.71
CA GLY B 507 2.94 -2.54 24.47
C GLY B 507 4.13 -3.48 24.52
N GLY B 508 5.32 -3.00 24.19
CA GLY B 508 6.47 -3.87 24.23
C GLY B 508 7.56 -3.33 25.12
N ASP B 509 8.64 -4.08 25.26
CA ASP B 509 9.78 -3.64 26.07
C ASP B 509 10.88 -3.25 25.09
N GLY B 510 11.24 -1.98 25.07
CA GLY B 510 12.28 -1.53 24.17
C GLY B 510 13.56 -1.13 24.88
N VAL B 511 14.69 -1.28 24.21
CA VAL B 511 15.98 -0.88 24.79
C VAL B 511 16.92 -0.48 23.67
N ARG B 512 17.52 0.70 23.78
CA ARG B 512 18.47 1.18 22.80
C ARG B 512 19.87 0.76 23.26
N VAL B 513 20.61 0.08 22.39
CA VAL B 513 21.96 -0.34 22.74
C VAL B 513 22.96 0.32 21.81
N ARG B 514 24.10 0.73 22.36
CA ARG B 514 25.13 1.38 21.56
C ARG B 514 26.46 0.63 21.53
N THR B 515 26.67 -0.27 22.48
CA THR B 515 27.92 -1.02 22.56
C THR B 515 27.68 -2.51 22.50
N ARG B 516 28.70 -3.25 22.07
CA ARG B 516 28.58 -4.69 21.96
C ARG B 516 28.19 -5.31 23.30
N ALA B 517 28.65 -4.71 24.39
CA ALA B 517 28.31 -5.23 25.71
C ALA B 517 26.81 -5.07 25.97
N GLU B 518 26.27 -3.89 25.69
CA GLU B 518 24.85 -3.65 25.91
C GLU B 518 24.04 -4.60 25.01
N LEU B 519 24.53 -4.81 23.79
CA LEU B 519 23.86 -5.69 22.84
C LEU B 519 23.77 -7.10 23.42
N LYS B 520 24.91 -7.61 23.88
CA LYS B 520 24.94 -8.95 24.45
C LYS B 520 23.92 -9.06 25.59
N ALA B 521 23.93 -8.09 26.49
CA ALA B 521 23.03 -8.09 27.62
C ALA B 521 21.55 -7.99 27.21
N ALA B 522 21.27 -7.13 26.24
CA ALA B 522 19.90 -6.92 25.79
C ALA B 522 19.29 -8.16 25.12
N LEU B 523 20.10 -8.90 24.36
CA LEU B 523 19.58 -10.10 23.70
C LEU B 523 19.23 -11.16 24.75
N ASP B 524 20.07 -11.32 25.77
CA ASP B 524 19.79 -12.30 26.80
C ASP B 524 18.51 -11.94 27.52
N LYS B 525 18.33 -10.66 27.80
CA LYS B 525 17.15 -10.16 28.51
C LYS B 525 15.88 -10.41 27.69
N ALA B 526 15.97 -10.17 26.39
CA ALA B 526 14.82 -10.39 25.51
C ALA B 526 14.38 -11.86 25.55
N PHE B 527 15.32 -12.78 25.39
CA PHE B 527 14.99 -14.20 25.42
C PHE B 527 14.43 -14.63 26.76
N ALA B 528 14.86 -13.95 27.83
CA ALA B 528 14.42 -14.27 29.18
C ALA B 528 13.06 -13.67 29.53
N THR B 529 12.60 -12.72 28.72
CA THR B 529 11.32 -12.04 28.98
C THR B 529 10.23 -12.39 27.98
N ARG B 530 9.16 -13.05 28.46
CA ARG B 530 8.05 -13.41 27.60
C ARG B 530 6.79 -12.60 27.93
N GLY B 531 5.85 -12.55 27.00
CA GLY B 531 4.61 -11.84 27.26
C GLY B 531 4.43 -10.54 26.52
N ARG B 532 5.53 -9.86 26.22
CA ARG B 532 5.51 -8.59 25.50
C ARG B 532 6.57 -8.70 24.40
N PHE B 533 6.35 -8.08 23.25
CA PHE B 533 7.39 -8.16 22.23
C PHE B 533 8.61 -7.46 22.82
N GLN B 534 9.78 -7.87 22.39
CA GLN B 534 11.04 -7.31 22.86
C GLN B 534 11.74 -6.61 21.71
N LEU B 535 11.87 -5.29 21.80
CA LEU B 535 12.53 -4.52 20.76
C LEU B 535 13.94 -4.09 21.17
N ILE B 536 14.94 -4.59 20.47
CA ILE B 536 16.33 -4.22 20.76
C ILE B 536 16.72 -3.28 19.64
N GLU B 537 16.88 -1.99 19.96
CA GLU B 537 17.23 -0.99 18.97
C GLU B 537 18.75 -0.83 18.98
N ALA B 538 19.39 -1.43 17.98
CA ALA B 538 20.85 -1.39 17.86
C ALA B 538 21.33 -0.21 17.02
N MET B 539 22.06 0.69 17.67
CA MET B 539 22.60 1.84 16.98
C MET B 539 23.84 1.36 16.26
N ILE B 540 23.90 1.65 14.96
CA ILE B 540 24.99 1.26 14.08
C ILE B 540 25.41 2.50 13.33
N PRO B 541 26.71 2.81 13.28
CA PRO B 541 27.11 4.02 12.55
C PRO B 541 26.90 3.84 11.05
N ARG B 542 26.71 4.96 10.36
CA ARG B 542 26.56 4.92 8.92
C ARG B 542 27.90 4.39 8.37
N GLY B 543 27.87 3.88 7.14
CA GLY B 543 29.08 3.36 6.52
C GLY B 543 29.54 1.99 6.97
N VAL B 544 28.84 1.40 7.96
CA VAL B 544 29.22 0.08 8.45
C VAL B 544 28.24 -1.00 7.97
N LEU B 545 28.76 -1.97 7.23
CA LEU B 545 27.95 -3.04 6.64
C LEU B 545 28.29 -4.47 7.02
N SER B 546 27.34 -5.38 6.77
CA SER B 546 27.57 -6.79 7.04
C SER B 546 28.61 -7.25 6.00
N ASP B 547 29.22 -8.40 6.24
CA ASP B 547 30.21 -8.92 5.31
C ASP B 547 29.56 -9.28 3.98
N THR B 548 28.38 -9.88 4.03
CA THR B 548 27.69 -10.28 2.80
C THR B 548 27.32 -9.08 1.94
N LEU B 549 26.86 -8.00 2.56
CA LEU B 549 26.52 -6.82 1.77
C LEU B 549 27.78 -6.21 1.17
N ALA B 550 28.87 -6.26 1.92
CA ALA B 550 30.14 -5.72 1.43
C ALA B 550 30.58 -6.50 0.19
N ARG B 551 30.53 -7.83 0.26
CA ARG B 551 30.95 -8.65 -0.88
C ARG B 551 30.03 -8.38 -2.07
N PHE B 552 28.75 -8.15 -1.77
CA PHE B 552 27.77 -7.85 -2.81
C PHE B 552 28.14 -6.54 -3.52
N VAL B 553 28.42 -5.50 -2.74
CA VAL B 553 28.77 -4.20 -3.30
C VAL B 553 30.07 -4.27 -4.09
N GLN B 554 31.07 -4.96 -3.55
CA GLN B 554 32.34 -5.09 -4.25
C GLN B 554 32.12 -5.81 -5.58
N GLY B 555 31.28 -6.85 -5.55
CA GLY B 555 30.99 -7.62 -6.75
C GLY B 555 30.40 -6.78 -7.87
N GLN B 556 29.57 -5.81 -7.52
CA GLN B 556 28.96 -4.95 -8.52
C GLN B 556 30.02 -4.05 -9.17
N LYS B 557 30.91 -3.53 -8.33
CA LYS B 557 31.99 -2.67 -8.81
C LYS B 557 32.90 -3.41 -9.79
#